data_3L91
#
_entry.id   3L91
#
_cell.length_a   120.289
_cell.length_b   165.281
_cell.length_c   93.998
_cell.angle_alpha   90.00
_cell.angle_beta   90.00
_cell.angle_gamma   90.00
#
_symmetry.space_group_name_H-M   'C 2 2 21'
#
loop_
_entity.id
_entity.type
_entity.pdbx_description
1 polymer 'Acyl-homoserine lactone acylase pvdQ subunit alpha'
2 polymer 'Acyl-homoserine lactone acylase pvdQ subunit beta'
3 non-polymer 1,2-ETHANEDIOL
4 non-polymer 'OCTANOIC ACID (CAPRYLIC ACID)'
5 water water
#
loop_
_entity_poly.entity_id
_entity_poly.type
_entity_poly.pdbx_seq_one_letter_code
_entity_poly.pdbx_strand_id
1 'polypeptide(L)'
;DMPRPTGLAADIRWTAYGVPHIRAKDERGLGYGIGYAYARDNACLLAEEIVTARGERARYFGSEGKSSAELDNLPSDIFY
AWLNQPEALQAFWQAQTPAVRQLLEGYAAGFNRFLREADGKTTSCLGQPWLRAIATDDLLRLTRRLLVEGGVGQFADALV
AAAPPGAEKV
;
A
2 'polypeptide(L)'
;SNAIAVGSERSADGKGMLLANPHFPWNGAMRFYQMHLTIPGRLDVMGASLPGLPVVNIGFSRHLAWTHTVDTSSHFTLYR
LALDPKDPRRYLVDGRSLPLEEKSVAIEVRGADGKLSRVEHKVYQSIYGPLVVWPGKLDWNRSEAYALRDANLENTRVLQ
QWYSINQASDVADLRRRVEALQGIPWVNTLAADEQGNALYMNQSVVPYLKPELIPACAIPQLVAEGLPALQGQDSRCAWS
RDPAAAQAGITPAAQLPVLLRRDFVQNSNDSAWLTNPASPLQGFSPLVSQEKPIGPRARYALSRLQGKQPLEAKTLEEMV
TANHVFSADQVLPDLLRLCRDNQGEKSLARACAALAQWDRGANLDSGSGFVYFQRFMQRFAELDGAWKEPFDAQRPLDTP
QGIALDRPQVATQVRQALADAAAEVEKSGIPDGARWGDLQVSTRGQERIAIPGGDGHFGVYNAIQSVRKGDHLEVVGGTS
YIQLVTFPEEGPKARGLLAFSQSSDPRSPHYRDQTELFSRQQWQTLPFSDRQIDADPQLQRLSIRE
;
B
#
# COMPACT_ATOMS: atom_id res chain seq x y z
N THR A 6 32.48 12.76 4.97
CA THR A 6 32.69 13.66 6.14
C THR A 6 31.85 14.94 6.03
N GLY A 7 31.85 15.75 7.09
CA GLY A 7 30.91 16.86 7.20
C GLY A 7 29.50 16.35 7.44
N LEU A 8 29.42 15.18 8.10
CA LEU A 8 28.20 14.47 8.43
C LEU A 8 28.04 14.55 9.94
N ALA A 9 26.93 15.13 10.39
CA ALA A 9 26.67 15.27 11.83
C ALA A 9 25.18 15.41 12.06
N ALA A 10 24.70 14.81 13.15
CA ALA A 10 23.28 14.91 13.46
C ALA A 10 23.08 14.86 14.95
N ASP A 11 21.98 15.46 15.40
CA ASP A 11 21.58 15.36 16.78
C ASP A 11 20.29 14.55 16.78
N ILE A 12 20.24 13.47 17.56
CA ILE A 12 19.06 12.62 17.57
C ILE A 12 18.46 12.57 18.96
N ARG A 13 17.16 12.83 19.06
CA ARG A 13 16.45 12.58 20.31
C ARG A 13 15.44 11.48 20.09
N TRP A 14 15.25 10.62 21.08
CA TRP A 14 14.20 9.59 21.01
C TRP A 14 13.19 9.83 22.12
N THR A 15 11.92 9.81 21.74
CA THR A 15 10.85 9.89 22.73
C THR A 15 10.32 8.46 22.95
N ALA A 16 9.26 8.35 23.74
CA ALA A 16 8.69 7.04 24.08
C ALA A 16 8.45 6.20 22.83
N TYR A 17 8.68 4.89 22.97
CA TYR A 17 8.43 3.88 21.92
C TYR A 17 9.48 3.93 20.80
N GLY A 18 10.61 4.61 21.06
CA GLY A 18 11.73 4.63 20.14
C GLY A 18 11.53 5.48 18.89
N VAL A 19 10.75 6.56 18.99
CA VAL A 19 10.54 7.49 17.87
C VAL A 19 11.70 8.50 17.83
N PRO A 20 12.48 8.50 16.73
CA PRO A 20 13.60 9.45 16.65
C PRO A 20 13.19 10.82 16.13
N HIS A 21 13.86 11.84 16.64
CA HIS A 21 13.70 13.23 16.24
C HIS A 21 15.10 13.70 15.81
N ILE A 22 15.28 13.84 14.51
CA ILE A 22 16.61 14.11 13.94
C ILE A 22 16.73 15.58 13.61
N ARG A 23 17.78 16.22 14.13
CA ARG A 23 18.07 17.61 13.80
C ARG A 23 19.44 17.70 13.13
N ALA A 24 19.51 18.43 12.03
CA ALA A 24 20.80 18.63 11.34
C ALA A 24 20.79 19.96 10.63
N LYS A 25 21.96 20.43 10.22
CA LYS A 25 22.03 21.73 9.53
C LYS A 25 21.86 21.63 8.02
N ASP A 26 21.86 20.40 7.49
CA ASP A 26 21.77 20.19 6.04
C ASP A 26 21.29 18.78 5.76
N GLU A 27 21.05 18.49 4.48
CA GLU A 27 20.48 17.21 4.10
C GLU A 27 21.43 16.04 4.39
N ARG A 28 22.73 16.26 4.22
CA ARG A 28 23.70 15.18 4.42
C ARG A 28 23.66 14.75 5.90
N GLY A 29 23.66 15.73 6.79
CA GLY A 29 23.59 15.42 8.24
C GLY A 29 22.22 14.84 8.62
N LEU A 30 21.16 15.31 7.95
CA LEU A 30 19.82 14.79 8.26
C LEU A 30 19.78 13.31 7.89
N GLY A 31 20.27 13.00 6.68
CA GLY A 31 20.30 11.60 6.21
C GLY A 31 21.14 10.75 7.15
N TYR A 32 22.26 11.31 7.60
CA TYR A 32 23.15 10.60 8.55
C TYR A 32 22.38 10.16 9.80
N GLY A 33 21.62 11.08 10.38
CA GLY A 33 20.81 10.78 11.56
C GLY A 33 19.71 9.75 11.26
N ILE A 34 19.03 9.91 10.12
CA ILE A 34 17.94 8.96 9.75
C ILE A 34 18.50 7.55 9.58
N GLY A 35 19.61 7.41 8.84
CA GLY A 35 20.15 6.08 8.53
C GLY A 35 20.61 5.38 9.80
N TYR A 36 21.23 6.16 10.71
CA TYR A 36 21.70 5.62 11.98
C TYR A 36 20.52 5.17 12.85
N ALA A 37 19.52 6.05 13.01
CA ALA A 37 18.37 5.72 13.86
C ALA A 37 17.62 4.51 13.29
N TYR A 38 17.42 4.51 11.98
CA TYR A 38 16.73 3.40 11.33
C TYR A 38 17.48 2.08 11.52
N ALA A 39 18.80 2.11 11.32
CA ALA A 39 19.61 0.88 11.46
C ALA A 39 19.50 0.30 12.88
N ARG A 40 19.46 1.17 13.88
CA ARG A 40 19.35 0.68 15.28
C ARG A 40 18.11 -0.21 15.43
N ASP A 41 17.03 0.14 14.75
CA ASP A 41 15.76 -0.60 14.87
C ASP A 41 15.57 -1.68 13.82
N ASN A 42 16.18 -1.50 12.65
CA ASN A 42 15.76 -2.26 11.46
C ASN A 42 16.88 -2.65 10.49
N ALA A 43 18.10 -2.80 11.01
CA ALA A 43 19.24 -3.13 10.15
C ALA A 43 19.02 -4.41 9.36
N CYS A 44 18.51 -5.44 10.03
CA CYS A 44 18.32 -6.75 9.38
C CYS A 44 17.29 -6.65 8.27
N LEU A 45 16.20 -5.94 8.55
CA LEU A 45 15.15 -5.72 7.55
C LEU A 45 15.72 -5.04 6.33
N LEU A 46 16.45 -3.94 6.51
CA LEU A 46 16.92 -3.20 5.34
C LEU A 46 17.93 -4.05 4.54
N ALA A 47 18.80 -4.77 5.25
CA ALA A 47 19.79 -5.61 4.56
C ALA A 47 19.09 -6.67 3.73
N GLU A 48 18.08 -7.32 4.31
CA GLU A 48 17.31 -8.33 3.56
CA GLU A 48 17.28 -8.31 3.58
C GLU A 48 16.64 -7.74 2.33
N GLU A 49 16.04 -6.56 2.48
CA GLU A 49 15.30 -5.97 1.35
C GLU A 49 16.26 -5.47 0.28
N ILE A 50 17.44 -5.03 0.70
CA ILE A 50 18.47 -4.65 -0.27
C ILE A 50 19.01 -5.88 -1.04
N VAL A 51 19.21 -7.00 -0.34
CA VAL A 51 19.56 -8.26 -1.02
C VAL A 51 18.52 -8.54 -2.11
N THR A 52 17.24 -8.39 -1.77
CA THR A 52 16.16 -8.60 -2.73
C THR A 52 16.26 -7.65 -3.93
N ALA A 53 16.44 -6.35 -3.65
CA ALA A 53 16.45 -5.37 -4.72
C ALA A 53 17.72 -5.41 -5.56
N ARG A 54 18.78 -6.03 -5.02
CA ARG A 54 20.00 -6.30 -5.80
C ARG A 54 19.92 -7.59 -6.61
N GLY A 55 18.85 -8.35 -6.42
CA GLY A 55 18.71 -9.65 -7.09
C GLY A 55 19.72 -10.68 -6.60
N GLU A 56 19.95 -10.69 -5.28
CA GLU A 56 20.95 -11.58 -4.69
C GLU A 56 20.36 -12.61 -3.73
N ARG A 57 19.04 -12.77 -3.71
CA ARG A 57 18.44 -13.75 -2.80
C ARG A 57 18.96 -15.17 -3.01
N ALA A 58 19.00 -15.62 -4.26
CA ALA A 58 19.43 -16.99 -4.50
C ALA A 58 20.89 -17.22 -4.12
N ARG A 59 21.70 -16.17 -4.20
CA ARG A 59 23.12 -16.26 -3.88
C ARG A 59 23.32 -16.55 -2.39
N TYR A 60 22.49 -15.91 -1.54
CA TYR A 60 22.63 -16.10 -0.10
C TYR A 60 21.76 -17.22 0.45
N PHE A 61 20.60 -17.43 -0.16
CA PHE A 61 19.54 -18.26 0.41
C PHE A 61 19.12 -19.47 -0.42
N GLY A 62 19.63 -19.58 -1.64
CA GLY A 62 19.27 -20.70 -2.52
C GLY A 62 17.95 -20.46 -3.23
N SER A 63 17.57 -21.38 -4.09
CA SER A 63 16.36 -21.17 -4.88
C SER A 63 15.09 -21.60 -4.14
N GLU A 64 15.24 -22.27 -3.00
N GLU A 64 15.24 -22.36 -3.06
CA GLU A 64 14.10 -22.79 -2.24
CA GLU A 64 14.11 -22.87 -2.30
C GLU A 64 13.29 -21.70 -1.52
C GLU A 64 13.85 -21.93 -1.13
N GLY A 65 13.94 -20.58 -1.21
N GLY A 65 13.32 -20.75 -1.46
CA GLY A 65 13.30 -19.53 -0.39
CA GLY A 65 13.00 -19.73 -0.47
C GLY A 65 12.46 -18.55 -1.19
C GLY A 65 12.32 -18.60 -1.21
N LYS A 66 11.83 -17.62 -0.47
CA LYS A 66 11.04 -16.52 -1.08
C LYS A 66 11.47 -15.19 -0.48
N SER A 67 11.13 -14.12 -1.17
CA SER A 67 11.30 -12.76 -0.67
C SER A 67 10.14 -12.44 0.28
N SER A 68 10.21 -11.27 0.92
CA SER A 68 9.13 -10.86 1.80
C SER A 68 7.87 -10.50 1.02
N ALA A 69 8.00 -10.37 -0.31
CA ALA A 69 6.81 -10.19 -1.17
C ALA A 69 6.22 -11.53 -1.63
N GLU A 70 6.77 -12.62 -1.09
CA GLU A 70 6.34 -14.00 -1.37
C GLU A 70 6.61 -14.44 -2.83
N LEU A 71 7.59 -13.83 -3.48
CA LEU A 71 8.07 -14.31 -4.78
C LEU A 71 9.22 -15.27 -4.55
N ASP A 72 9.31 -16.35 -5.35
CA ASP A 72 10.45 -17.26 -5.28
C ASP A 72 11.76 -16.50 -5.48
N ASN A 73 12.81 -16.95 -4.80
CA ASN A 73 14.09 -16.24 -4.88
C ASN A 73 14.67 -16.05 -6.27
N LEU A 74 14.67 -17.09 -7.10
CA LEU A 74 15.32 -16.95 -8.41
C LEU A 74 14.53 -16.03 -9.38
N PRO A 75 13.21 -16.25 -9.53
CA PRO A 75 12.40 -15.28 -10.31
C PRO A 75 12.50 -13.86 -9.76
N SER A 76 12.50 -13.71 -8.44
CA SER A 76 12.64 -12.37 -7.84
C SER A 76 13.98 -11.77 -8.25
N ASP A 77 15.05 -12.57 -8.16
CA ASP A 77 16.37 -12.06 -8.56
C ASP A 77 16.45 -11.65 -10.04
N ILE A 78 15.88 -12.47 -10.94
CA ILE A 78 15.85 -12.11 -12.36
C ILE A 78 15.13 -10.79 -12.54
N PHE A 79 13.98 -10.64 -11.89
CA PHE A 79 13.21 -9.39 -12.02
C PHE A 79 13.99 -8.18 -11.54
N TYR A 80 14.58 -8.27 -10.35
CA TYR A 80 15.34 -7.11 -9.83
C TYR A 80 16.64 -6.88 -10.54
N ALA A 81 17.28 -7.93 -11.05
CA ALA A 81 18.49 -7.72 -11.89
C ALA A 81 18.12 -6.95 -13.16
N TRP A 82 16.96 -7.30 -13.72
CA TRP A 82 16.47 -6.59 -14.91
C TRP A 82 16.10 -5.14 -14.55
N LEU A 83 15.33 -4.97 -13.46
CA LEU A 83 14.87 -3.64 -13.06
C LEU A 83 16.03 -2.72 -12.73
N ASN A 84 16.97 -3.23 -11.96
CA ASN A 84 18.02 -2.40 -11.37
C ASN A 84 19.37 -2.58 -12.06
N GLN A 85 19.35 -2.60 -13.39
CA GLN A 85 20.57 -2.64 -14.19
C GLN A 85 21.40 -1.39 -13.93
N PRO A 86 22.73 -1.49 -14.04
CA PRO A 86 23.61 -0.34 -13.78
C PRO A 86 23.22 0.93 -14.56
N GLU A 87 22.88 0.79 -15.85
CA GLU A 87 22.49 1.95 -16.65
C GLU A 87 21.27 2.66 -16.09
N ALA A 88 20.31 1.89 -15.60
CA ALA A 88 19.08 2.45 -15.02
C ALA A 88 19.37 3.21 -13.73
N LEU A 89 20.22 2.64 -12.86
CA LEU A 89 20.57 3.29 -11.61
C LEU A 89 21.32 4.58 -11.85
N GLN A 90 22.22 4.53 -12.84
CA GLN A 90 23.05 5.67 -13.18
C GLN A 90 22.17 6.82 -13.67
N ALA A 91 21.24 6.50 -14.60
CA ALA A 91 20.32 7.51 -15.12
C ALA A 91 19.45 8.09 -14.01
N PHE A 92 19.00 7.22 -13.10
CA PHE A 92 18.17 7.69 -11.96
C PHE A 92 18.96 8.66 -11.07
N TRP A 93 20.20 8.28 -10.73
CA TRP A 93 21.07 9.12 -9.92
C TRP A 93 21.33 10.47 -10.58
N GLN A 94 21.59 10.45 -11.87
CA GLN A 94 21.96 11.67 -12.60
C GLN A 94 20.77 12.66 -12.60
N ALA A 95 19.56 12.13 -12.49
CA ALA A 95 18.35 12.96 -12.44
C ALA A 95 17.97 13.49 -11.05
N GLN A 96 18.71 13.11 -10.02
CA GLN A 96 18.39 13.56 -8.65
C GLN A 96 18.92 14.96 -8.36
N THR A 97 18.14 15.74 -7.62
CA THR A 97 18.59 17.06 -7.18
C THR A 97 19.75 16.91 -6.20
N PRO A 98 20.58 17.95 -6.08
CA PRO A 98 21.65 17.92 -5.05
C PRO A 98 21.12 17.59 -3.64
N ALA A 99 19.97 18.15 -3.25
CA ALA A 99 19.46 17.89 -1.90
C ALA A 99 19.16 16.41 -1.69
N VAL A 100 18.54 15.80 -2.69
CA VAL A 100 18.20 14.37 -2.62
C VAL A 100 19.45 13.51 -2.58
N ARG A 101 20.43 13.84 -3.42
CA ARG A 101 21.70 13.08 -3.41
C ARG A 101 22.32 13.14 -2.03
N GLN A 102 22.29 14.33 -1.41
CA GLN A 102 22.87 14.51 -0.08
C GLN A 102 22.12 13.71 0.98
N LEU A 103 20.79 13.69 0.92
CA LEU A 103 20.01 12.88 1.86
C LEU A 103 20.43 11.42 1.76
N LEU A 104 20.53 10.93 0.53
CA LEU A 104 20.87 9.51 0.31
C LEU A 104 22.30 9.19 0.74
N GLU A 105 23.25 10.07 0.45
CA GLU A 105 24.64 9.86 0.87
C GLU A 105 24.73 9.83 2.39
N GLY A 106 24.01 10.74 3.04
CA GLY A 106 23.99 10.76 4.51
C GLY A 106 23.39 9.48 5.08
N TYR A 107 22.25 9.06 4.53
CA TYR A 107 21.56 7.86 4.99
C TYR A 107 22.50 6.64 4.95
N ALA A 108 23.17 6.43 3.82
CA ALA A 108 24.06 5.27 3.68
C ALA A 108 25.18 5.35 4.70
N ALA A 109 25.75 6.52 4.91
CA ALA A 109 26.82 6.67 5.89
C ALA A 109 26.36 6.39 7.33
N GLY A 110 25.15 6.82 7.66
CA GLY A 110 24.63 6.65 9.03
C GLY A 110 24.27 5.19 9.30
N PHE A 111 23.66 4.56 8.33
CA PHE A 111 23.36 3.12 8.42
C PHE A 111 24.67 2.35 8.61
N ASN A 112 25.68 2.71 7.82
CA ASN A 112 26.96 2.01 7.90
C ASN A 112 27.68 2.28 9.23
N ARG A 113 27.51 3.49 9.78
CA ARG A 113 28.08 3.79 11.10
C ARG A 113 27.50 2.83 12.14
N PHE A 114 26.18 2.67 12.15
CA PHE A 114 25.55 1.72 13.08
C PHE A 114 26.14 0.31 12.90
N LEU A 115 26.26 -0.15 11.66
CA LEU A 115 26.78 -1.50 11.39
C LEU A 115 28.20 -1.69 11.94
N ARG A 116 29.04 -0.67 11.82
CA ARG A 116 30.41 -0.76 12.33
C ARG A 116 30.45 -0.99 13.82
N GLU A 117 29.46 -0.42 14.52
CA GLU A 117 29.46 -0.43 15.98
C GLU A 117 28.59 -1.52 16.60
N ALA A 118 27.75 -2.15 15.78
CA ALA A 118 26.70 -3.07 16.27
C ALA A 118 27.28 -4.28 17.03
N ASP A 119 26.72 -4.56 18.21
CA ASP A 119 27.18 -5.72 19.00
C ASP A 119 26.06 -6.73 19.25
N GLY A 120 24.94 -6.55 18.54
CA GLY A 120 23.85 -7.50 18.63
C GLY A 120 22.76 -7.09 19.61
N LYS A 121 22.98 -6.01 20.36
CA LYS A 121 21.95 -5.52 21.29
C LYS A 121 20.57 -5.42 20.62
N THR A 122 20.53 -4.92 19.40
CA THR A 122 19.26 -4.76 18.70
C THR A 122 19.27 -5.32 17.28
N THR A 123 20.18 -6.24 17.02
CA THR A 123 20.41 -6.72 15.66
C THR A 123 20.58 -8.23 15.68
N SER A 124 19.54 -8.95 15.29
CA SER A 124 19.52 -10.42 15.41
C SER A 124 20.34 -11.14 14.34
N CYS A 125 20.68 -10.45 13.24
CA CYS A 125 21.39 -11.05 12.11
C CYS A 125 22.89 -10.77 12.14
N LEU A 126 23.40 -10.34 13.30
CA LEU A 126 24.82 -10.09 13.46
C LEU A 126 25.62 -11.32 12.99
N GLY A 127 26.65 -11.07 12.18
CA GLY A 127 27.51 -12.14 11.67
C GLY A 127 27.07 -12.79 10.36
N GLN A 128 25.86 -12.50 9.89
CA GLN A 128 25.40 -13.08 8.62
C GLN A 128 26.14 -12.41 7.45
N PRO A 129 26.46 -13.19 6.41
CA PRO A 129 27.29 -12.65 5.32
C PRO A 129 26.59 -11.55 4.52
N TRP A 130 25.26 -11.56 4.55
CA TRP A 130 24.46 -10.57 3.82
C TRP A 130 24.21 -9.27 4.61
N LEU A 131 24.66 -9.21 5.86
CA LEU A 131 24.55 -7.96 6.61
C LEU A 131 25.82 -7.15 6.32
N ARG A 132 25.71 -6.25 5.35
CA ARG A 132 26.86 -5.57 4.78
C ARG A 132 26.63 -4.09 4.68
N ALA A 133 27.73 -3.33 4.62
CA ALA A 133 27.67 -1.91 4.38
C ALA A 133 26.88 -1.62 3.10
N ILE A 134 26.12 -0.54 3.12
CA ILE A 134 25.29 -0.21 1.96
C ILE A 134 25.85 0.98 1.17
N ALA A 135 25.33 1.12 -0.05
CA ALA A 135 25.76 2.19 -0.96
C ALA A 135 24.54 3.02 -1.33
N THR A 136 24.74 4.27 -1.77
CA THR A 136 23.61 5.04 -2.29
C THR A 136 22.88 4.29 -3.40
N ASP A 137 23.61 3.54 -4.22
CA ASP A 137 22.95 2.77 -5.30
C ASP A 137 21.91 1.82 -4.69
N ASP A 138 22.18 1.29 -3.50
CA ASP A 138 21.23 0.35 -2.87
C ASP A 138 19.94 1.05 -2.53
N LEU A 139 20.03 2.32 -2.12
CA LEU A 139 18.83 3.08 -1.82
C LEU A 139 18.08 3.39 -3.11
N LEU A 140 18.78 3.62 -4.20
CA LEU A 140 18.11 3.78 -5.49
C LEU A 140 17.41 2.49 -5.91
N ARG A 141 18.05 1.34 -5.63
CA ARG A 141 17.43 0.03 -5.94
C ARG A 141 16.11 -0.15 -5.18
N LEU A 142 16.09 0.25 -3.91
CA LEU A 142 14.86 0.21 -3.12
C LEU A 142 13.81 1.16 -3.67
N THR A 143 14.25 2.37 -4.07
CA THR A 143 13.33 3.37 -4.59
C THR A 143 12.66 2.86 -5.86
N ARG A 144 13.45 2.30 -6.76
CA ARG A 144 12.91 1.79 -8.02
C ARG A 144 11.97 0.60 -7.78
N ARG A 145 12.31 -0.25 -6.81
CA ARG A 145 11.43 -1.36 -6.42
C ARG A 145 10.04 -0.84 -5.97
N LEU A 146 10.03 0.25 -5.19
CA LEU A 146 8.77 0.87 -4.76
C LEU A 146 8.04 1.50 -5.94
N LEU A 147 8.78 2.21 -6.80
CA LEU A 147 8.16 2.88 -7.95
C LEU A 147 7.25 1.95 -8.75
N VAL A 148 7.73 0.74 -9.02
CA VAL A 148 7.03 -0.19 -9.93
C VAL A 148 6.00 -1.09 -9.24
N GLU A 149 5.78 -0.88 -7.93
CA GLU A 149 4.75 -1.62 -7.18
CA GLU A 149 4.75 -1.66 -7.24
C GLU A 149 3.35 -1.41 -7.77
N GLY A 150 3.15 -0.27 -8.45
CA GLY A 150 1.89 0.08 -9.11
C GLY A 150 1.82 -0.34 -10.58
N GLY A 151 2.85 -1.07 -11.04
CA GLY A 151 2.95 -1.38 -12.45
C GLY A 151 3.67 -2.70 -12.68
N VAL A 152 4.85 -2.66 -13.28
CA VAL A 152 5.51 -3.89 -13.72
C VAL A 152 5.87 -4.82 -12.53
N GLY A 153 6.04 -4.24 -11.34
CA GLY A 153 6.32 -5.07 -10.15
C GLY A 153 5.17 -6.07 -9.90
N GLN A 154 3.92 -5.69 -10.27
CA GLN A 154 2.79 -6.63 -10.09
CA GLN A 154 2.74 -6.58 -10.14
C GLN A 154 2.82 -7.75 -11.12
N PHE A 155 3.71 -7.63 -12.10
CA PHE A 155 3.86 -8.63 -13.16
C PHE A 155 5.23 -9.27 -13.17
N ALA A 156 5.89 -9.28 -12.00
CA ALA A 156 7.25 -9.78 -11.95
C ALA A 156 7.32 -11.25 -12.37
N ASP A 157 6.43 -12.09 -11.83
CA ASP A 157 6.42 -13.50 -12.23
C ASP A 157 6.12 -13.66 -13.72
N ALA A 158 5.21 -12.84 -14.22
CA ALA A 158 4.81 -12.86 -15.62
C ALA A 158 5.94 -12.46 -16.56
N LEU A 159 6.76 -11.52 -16.12
CA LEU A 159 7.91 -11.12 -16.93
C LEU A 159 8.90 -12.28 -17.00
N VAL A 160 9.17 -12.91 -15.85
CA VAL A 160 10.13 -14.02 -15.83
C VAL A 160 9.63 -15.22 -16.68
N ALA A 161 8.32 -15.40 -16.77
CA ALA A 161 7.70 -16.51 -17.49
C ALA A 161 7.59 -16.29 -19.00
N ALA A 162 7.89 -15.09 -19.46
CA ALA A 162 7.65 -14.76 -20.87
C ALA A 162 8.72 -15.38 -21.79
N ALA A 163 8.35 -16.46 -22.48
CA ALA A 163 9.26 -17.13 -23.40
C ALA A 163 8.51 -17.44 -24.69
N PRO A 164 9.20 -17.38 -25.86
CA PRO A 164 8.52 -17.55 -27.13
C PRO A 164 8.03 -18.99 -27.36
N PRO A 165 7.03 -19.16 -28.23
CA PRO A 165 6.49 -20.50 -28.44
C PRO A 165 7.50 -21.41 -29.12
N GLY A 166 7.33 -22.71 -28.94
CA GLY A 166 8.13 -23.70 -29.67
C GLY A 166 7.37 -24.20 -30.89
N ALA A 167 7.47 -25.50 -31.16
CA ALA A 167 6.83 -26.08 -32.34
C ALA A 167 5.40 -26.64 -32.09
N GLU A 168 4.83 -26.37 -30.91
CA GLU A 168 3.55 -26.97 -30.50
C GLU A 168 2.32 -26.71 -31.39
N LYS A 169 1.40 -27.68 -31.39
CA LYS A 169 0.03 -27.53 -31.93
C LYS A 169 -0.95 -27.10 -30.82
N SER B 1 -6.42 1.25 2.57
CA SER B 1 -6.15 2.45 3.36
C SER B 1 -7.40 3.32 3.46
N ASN B 2 -7.53 4.04 4.57
CA ASN B 2 -8.56 5.08 4.71
C ASN B 2 -7.92 6.45 4.96
N ALA B 3 -8.61 7.50 4.56
CA ALA B 3 -8.20 8.86 4.86
C ALA B 3 -9.43 9.76 4.94
N ILE B 4 -9.48 10.63 5.93
CA ILE B 4 -10.55 11.62 6.05
C ILE B 4 -9.91 12.96 6.40
N ALA B 5 -10.17 13.97 5.58
CA ALA B 5 -9.76 15.34 5.90
C ALA B 5 -11.02 16.15 6.18
N VAL B 6 -11.03 16.90 7.27
CA VAL B 6 -12.19 17.69 7.69
C VAL B 6 -11.80 19.16 7.67
N GLY B 7 -12.70 19.99 7.15
CA GLY B 7 -12.46 21.42 7.05
C GLY B 7 -13.27 22.24 8.04
N SER B 8 -13.18 23.55 7.87
CA SER B 8 -13.69 24.51 8.86
C SER B 8 -15.21 24.48 9.04
N GLU B 9 -15.92 23.97 8.06
CA GLU B 9 -17.39 23.94 8.07
C GLU B 9 -17.95 22.74 8.83
N ARG B 10 -17.11 21.75 9.11
CA ARG B 10 -17.53 20.56 9.84
C ARG B 10 -16.74 20.27 11.12
N SER B 11 -15.52 20.79 11.24
CA SER B 11 -14.74 20.56 12.45
C SER B 11 -15.31 21.35 13.62
N ALA B 12 -15.19 20.80 14.83
CA ALA B 12 -15.73 21.45 16.02
C ALA B 12 -15.01 22.75 16.37
N ASP B 13 -13.75 22.88 15.94
CA ASP B 13 -12.95 24.07 16.26
C ASP B 13 -12.86 25.08 15.11
N GLY B 14 -13.47 24.75 13.96
CA GLY B 14 -13.43 25.59 12.77
C GLY B 14 -12.07 25.59 12.07
N LYS B 15 -11.25 24.59 12.39
CA LYS B 15 -9.92 24.43 11.78
C LYS B 15 -9.85 23.06 11.12
N GLY B 16 -8.74 22.77 10.48
CA GLY B 16 -8.61 21.48 9.79
C GLY B 16 -8.34 20.31 10.71
N MET B 17 -8.67 19.13 10.23
CA MET B 17 -8.41 17.88 10.95
C MET B 17 -8.20 16.77 9.94
N LEU B 18 -7.26 15.87 10.23
CA LEU B 18 -6.94 14.77 9.31
C LEU B 18 -6.82 13.46 10.06
N LEU B 19 -7.52 12.44 9.57
CA LEU B 19 -7.32 11.07 10.00
C LEU B 19 -6.58 10.31 8.89
N ALA B 20 -5.43 9.75 9.25
CA ALA B 20 -4.63 8.93 8.35
C ALA B 20 -4.65 7.50 8.86
N ASN B 21 -5.19 6.61 8.04
CA ASN B 21 -5.23 5.18 8.39
C ASN B 21 -4.80 4.32 7.21
N PRO B 22 -3.53 4.46 6.77
CA PRO B 22 -3.03 3.59 5.70
C PRO B 22 -3.08 2.11 6.09
N HIS B 23 -3.39 1.24 5.13
CA HIS B 23 -3.38 -0.20 5.34
C HIS B 23 -2.22 -0.77 4.52
N PHE B 24 -1.17 -1.20 5.20
CA PHE B 24 0.08 -1.55 4.56
CA PHE B 24 0.03 -1.61 4.50
C PHE B 24 0.62 -2.83 5.19
N PRO B 25 1.65 -3.43 4.57
CA PRO B 25 2.24 -4.65 5.16
C PRO B 25 2.83 -4.44 6.55
N TRP B 26 2.78 -5.50 7.35
CA TRP B 26 3.37 -5.47 8.69
C TRP B 26 4.85 -5.92 8.70
N ASN B 27 5.35 -6.31 7.53
CA ASN B 27 6.72 -6.82 7.38
C ASN B 27 7.25 -6.35 6.03
N GLY B 28 8.56 -6.27 5.90
CA GLY B 28 9.19 -6.12 4.60
C GLY B 28 9.47 -4.71 4.14
N ALA B 29 9.56 -4.55 2.82
CA ALA B 29 10.05 -3.30 2.22
C ALA B 29 9.07 -2.14 2.29
N MET B 30 7.84 -2.41 2.73
CA MET B 30 6.83 -1.35 2.86
CA MET B 30 6.80 -1.38 2.85
C MET B 30 6.34 -1.18 4.30
N ARG B 31 7.18 -1.59 5.24
CA ARG B 31 6.90 -1.47 6.67
C ARG B 31 7.19 -0.03 7.12
N PHE B 32 6.14 0.69 7.50
CA PHE B 32 6.30 2.10 7.97
C PHE B 32 7.20 2.22 9.20
N TYR B 33 7.86 3.38 9.31
CA TYR B 33 8.75 3.68 10.42
C TYR B 33 8.51 5.15 10.82
N GLN B 34 8.29 5.43 12.11
CA GLN B 34 8.06 6.82 12.54
C GLN B 34 9.35 7.60 12.66
N MET B 35 9.31 8.86 12.24
CA MET B 35 10.42 9.75 12.51
C MET B 35 9.99 11.21 12.38
N HIS B 36 10.75 12.08 13.01
CA HIS B 36 10.56 13.54 12.95
C HIS B 36 11.88 14.13 12.46
N LEU B 37 11.80 14.93 11.40
CA LEU B 37 12.98 15.52 10.73
C LEU B 37 12.94 17.03 10.86
N THR B 38 14.11 17.62 11.20
CA THR B 38 14.19 19.07 11.36
C THR B 38 15.52 19.61 10.83
N ILE B 39 15.45 20.57 9.92
CA ILE B 39 16.60 21.41 9.60
C ILE B 39 16.16 22.79 10.04
N PRO B 40 16.63 23.25 11.21
CA PRO B 40 16.05 24.44 11.80
C PRO B 40 16.01 25.61 10.85
N GLY B 41 14.82 26.17 10.70
CA GLY B 41 14.62 27.33 9.86
C GLY B 41 13.98 27.00 8.54
N ARG B 42 14.06 25.75 8.11
CA ARG B 42 13.54 25.44 6.79
C ARG B 42 12.83 24.10 6.61
N LEU B 43 12.93 23.19 7.59
CA LEU B 43 12.23 21.90 7.51
C LEU B 43 11.84 21.44 8.92
N ASP B 44 10.58 21.07 9.10
CA ASP B 44 10.16 20.51 10.40
C ASP B 44 8.91 19.70 10.14
N VAL B 45 9.07 18.38 10.08
CA VAL B 45 8.00 17.50 9.62
C VAL B 45 8.08 16.18 10.38
N MET B 46 6.93 15.58 10.67
CA MET B 46 6.92 14.34 11.44
C MET B 46 5.91 13.39 10.84
N GLY B 47 6.23 12.11 10.85
CA GLY B 47 5.21 11.13 10.44
C GLY B 47 5.86 9.77 10.32
N ALA B 48 5.58 9.11 9.21
CA ALA B 48 6.15 7.80 9.00
C ALA B 48 6.72 7.69 7.59
N SER B 49 7.81 6.95 7.48
CA SER B 49 8.54 6.78 6.23
C SER B 49 8.59 5.30 5.84
N LEU B 50 9.05 5.03 4.63
CA LEU B 50 9.20 3.64 4.17
C LEU B 50 10.69 3.30 4.16
N PRO B 51 11.05 2.01 4.36
CA PRO B 51 12.44 1.57 4.53
C PRO B 51 13.39 2.06 3.41
N GLY B 52 14.47 2.72 3.83
CA GLY B 52 15.51 3.15 2.89
C GLY B 52 15.28 4.53 2.27
N LEU B 53 14.11 5.12 2.53
CA LEU B 53 13.75 6.40 1.92
C LEU B 53 13.80 7.51 2.96
N PRO B 54 14.76 8.43 2.84
CA PRO B 54 15.02 9.42 3.89
C PRO B 54 14.08 10.64 3.80
N VAL B 55 12.78 10.38 3.65
CA VAL B 55 11.76 11.44 3.62
C VAL B 55 10.52 10.94 4.35
N VAL B 56 9.71 11.86 4.88
CA VAL B 56 8.44 11.46 5.50
C VAL B 56 7.38 11.20 4.44
N ASN B 57 6.76 10.01 4.48
CA ASN B 57 5.79 9.62 3.45
C ASN B 57 4.37 10.12 3.79
N ILE B 58 3.98 9.95 5.05
CA ILE B 58 2.67 10.38 5.56
C ILE B 58 2.98 11.14 6.84
N GLY B 59 2.48 12.35 7.00
CA GLY B 59 2.90 13.12 8.18
C GLY B 59 2.21 14.44 8.39
N PHE B 60 2.88 15.31 9.13
CA PHE B 60 2.34 16.62 9.44
C PHE B 60 3.47 17.58 9.74
N SER B 61 3.15 18.87 9.65
CA SER B 61 4.05 19.94 10.00
C SER B 61 3.23 21.00 10.76
N ARG B 62 3.80 22.19 10.93
CA ARG B 62 3.20 23.18 11.81
C ARG B 62 1.74 23.51 11.46
N HIS B 63 1.45 23.61 10.15
CA HIS B 63 0.12 24.04 9.69
C HIS B 63 -0.60 23.06 8.78
N LEU B 64 -0.01 21.88 8.56
CA LEU B 64 -0.52 20.98 7.52
C LEU B 64 -0.38 19.51 7.97
N ALA B 65 -1.36 18.68 7.61
CA ALA B 65 -1.21 17.22 7.72
C ALA B 65 -1.63 16.60 6.40
N TRP B 66 -0.97 15.53 5.97
CA TRP B 66 -1.39 14.88 4.73
C TRP B 66 -1.23 13.37 4.86
N THR B 67 -1.93 12.65 3.99
CA THR B 67 -1.79 11.19 3.95
C THR B 67 -2.04 10.71 2.53
N HIS B 68 -1.95 9.39 2.33
CA HIS B 68 -2.11 8.81 1.01
C HIS B 68 -2.96 7.55 1.08
N THR B 69 -3.61 7.24 -0.03
CA THR B 69 -4.27 5.94 -0.17
C THR B 69 -3.97 5.42 -1.56
N VAL B 70 -3.93 4.10 -1.72
CA VAL B 70 -3.73 3.57 -3.09
C VAL B 70 -4.91 3.93 -3.97
N ASP B 71 -4.62 4.44 -5.17
CA ASP B 71 -5.71 4.91 -6.05
C ASP B 71 -6.20 3.79 -7.00
N THR B 72 -7.22 4.11 -7.77
CA THR B 72 -7.77 3.15 -8.74
C THR B 72 -7.31 3.46 -10.15
N SER B 73 -6.48 4.49 -10.30
CA SER B 73 -5.94 4.88 -11.58
C SER B 73 -4.95 3.83 -12.10
N SER B 74 -4.80 3.77 -13.43
CA SER B 74 -3.83 2.89 -14.04
C SER B 74 -2.45 3.59 -14.10
N HIS B 75 -1.39 2.86 -13.77
CA HIS B 75 -0.05 3.42 -13.79
C HIS B 75 0.86 2.73 -14.82
N PHE B 76 0.21 1.92 -15.66
CA PHE B 76 0.88 1.18 -16.72
C PHE B 76 -0.19 0.88 -17.75
N THR B 77 0.25 0.45 -18.93
CA THR B 77 -0.68 -0.18 -19.86
C THR B 77 -0.04 -1.43 -20.38
N LEU B 78 -0.85 -2.47 -20.54
CA LEU B 78 -0.44 -3.64 -21.32
C LEU B 78 -0.60 -3.24 -22.78
N TYR B 79 0.21 -3.84 -23.66
CA TYR B 79 0.04 -3.65 -25.11
C TYR B 79 -0.08 -5.04 -25.73
N ARG B 80 -1.19 -5.29 -26.42
CA ARG B 80 -1.32 -6.56 -27.12
C ARG B 80 -0.56 -6.45 -28.43
N LEU B 81 0.45 -7.30 -28.62
CA LEU B 81 1.25 -7.29 -29.85
C LEU B 81 0.63 -8.20 -30.88
N ALA B 82 0.67 -7.78 -32.15
CA ALA B 82 0.38 -8.67 -33.25
C ALA B 82 1.71 -9.20 -33.76
N LEU B 83 1.89 -10.51 -33.70
CA LEU B 83 3.16 -11.09 -34.09
C LEU B 83 3.26 -11.22 -35.61
N ASP B 84 4.50 -11.13 -36.10
CA ASP B 84 4.83 -11.44 -37.50
C ASP B 84 4.40 -12.89 -37.77
N PRO B 85 3.54 -13.11 -38.79
CA PRO B 85 3.07 -14.49 -39.04
C PRO B 85 4.20 -15.47 -39.43
N LYS B 86 5.34 -14.92 -39.84
CA LYS B 86 6.54 -15.72 -40.19
C LYS B 86 7.50 -15.95 -39.01
N ASP B 87 7.35 -15.19 -37.93
CA ASP B 87 8.35 -15.18 -36.86
C ASP B 87 7.75 -14.66 -35.55
N PRO B 88 7.52 -15.54 -34.56
CA PRO B 88 6.91 -15.10 -33.30
C PRO B 88 7.84 -14.32 -32.36
N ARG B 89 9.08 -14.09 -32.76
CA ARG B 89 9.97 -13.18 -32.06
C ARG B 89 10.04 -11.81 -32.74
N ARG B 90 9.12 -11.58 -33.68
CA ARG B 90 8.95 -10.27 -34.29
C ARG B 90 7.48 -9.85 -34.16
N TYR B 91 7.23 -8.54 -34.13
CA TYR B 91 5.87 -8.04 -33.98
C TYR B 91 5.62 -6.86 -34.93
N LEU B 92 4.35 -6.63 -35.23
CA LEU B 92 3.98 -5.68 -36.27
C LEU B 92 3.52 -4.36 -35.70
N VAL B 93 4.06 -3.27 -36.21
CA VAL B 93 3.53 -1.95 -35.87
C VAL B 93 3.30 -1.24 -37.20
N ASP B 94 2.04 -0.85 -37.41
CA ASP B 94 1.60 -0.29 -38.70
C ASP B 94 2.01 -1.21 -39.85
N GLY B 95 1.87 -2.52 -39.63
CA GLY B 95 2.11 -3.49 -40.69
C GLY B 95 3.57 -3.83 -40.91
N ARG B 96 4.47 -3.20 -40.16
CA ARG B 96 5.92 -3.37 -40.34
C ARG B 96 6.46 -4.32 -39.27
N SER B 97 7.24 -5.32 -39.69
CA SER B 97 7.78 -6.31 -38.74
C SER B 97 9.03 -5.79 -38.02
N LEU B 98 8.95 -5.74 -36.69
CA LEU B 98 10.05 -5.26 -35.85
C LEU B 98 10.60 -6.42 -35.01
N PRO B 99 11.93 -6.46 -34.79
CA PRO B 99 12.45 -7.52 -33.91
C PRO B 99 12.30 -7.17 -32.43
N LEU B 100 12.02 -8.18 -31.60
CA LEU B 100 12.14 -8.00 -30.15
C LEU B 100 13.62 -7.85 -29.80
N GLU B 101 13.89 -7.07 -28.77
CA GLU B 101 15.22 -6.97 -28.18
C GLU B 101 15.34 -8.02 -27.07
N GLU B 102 16.58 -8.48 -26.85
CA GLU B 102 16.85 -9.44 -25.79
C GLU B 102 17.84 -8.81 -24.82
N LYS B 103 17.52 -8.87 -23.53
CA LYS B 103 18.43 -8.43 -22.49
C LYS B 103 18.65 -9.63 -21.58
N SER B 104 19.89 -10.10 -21.48
CA SER B 104 20.16 -11.24 -20.59
C SER B 104 20.68 -10.78 -19.24
N VAL B 105 20.21 -11.42 -18.18
CA VAL B 105 20.73 -11.16 -16.84
C VAL B 105 21.34 -12.46 -16.33
N ALA B 106 22.36 -12.35 -15.48
CA ALA B 106 22.96 -13.53 -14.88
C ALA B 106 22.85 -13.45 -13.37
N ILE B 107 22.39 -14.55 -12.77
CA ILE B 107 22.14 -14.64 -11.33
C ILE B 107 23.01 -15.74 -10.74
N GLU B 108 23.58 -15.50 -9.57
CA GLU B 108 24.30 -16.57 -8.87
C GLU B 108 23.33 -17.30 -7.95
N VAL B 109 23.39 -18.62 -7.96
CA VAL B 109 22.49 -19.43 -7.13
C VAL B 109 23.32 -20.35 -6.23
N ARG B 110 23.08 -20.30 -4.93
CA ARG B 110 23.74 -21.20 -3.96
C ARG B 110 23.06 -22.57 -3.99
N GLY B 111 23.85 -23.60 -4.31
CA GLY B 111 23.31 -24.95 -4.47
C GLY B 111 23.27 -25.76 -3.20
N ALA B 112 22.77 -26.99 -3.34
CA ALA B 112 22.76 -27.98 -2.26
C ALA B 112 24.14 -28.17 -1.64
N ASP B 113 25.18 -28.13 -2.48
CA ASP B 113 26.56 -28.28 -2.01
C ASP B 113 27.16 -27.03 -1.34
N GLY B 114 26.43 -25.91 -1.39
CA GLY B 114 26.93 -24.65 -0.80
C GLY B 114 27.73 -23.76 -1.75
N LYS B 115 27.92 -24.24 -2.97
CA LYS B 115 28.68 -23.51 -3.99
C LYS B 115 27.75 -22.72 -4.90
N LEU B 116 28.30 -21.74 -5.61
CA LEU B 116 27.50 -20.90 -6.49
C LEU B 116 27.52 -21.43 -7.93
N SER B 117 26.36 -21.43 -8.56
CA SER B 117 26.23 -21.68 -9.99
C SER B 117 25.64 -20.44 -10.64
N ARG B 118 26.00 -20.19 -11.89
CA ARG B 118 25.50 -19.03 -12.63
C ARG B 118 24.32 -19.43 -13.51
N VAL B 119 23.21 -18.70 -13.38
CA VAL B 119 22.02 -18.92 -14.21
C VAL B 119 21.80 -17.70 -15.10
N GLU B 120 21.66 -17.93 -16.40
CA GLU B 120 21.40 -16.85 -17.34
C GLU B 120 19.96 -16.90 -17.79
N HIS B 121 19.34 -15.72 -17.85
CA HIS B 121 17.95 -15.65 -18.21
C HIS B 121 17.76 -14.53 -19.23
N LYS B 122 17.03 -14.83 -20.31
CA LYS B 122 16.74 -13.86 -21.37
C LYS B 122 15.41 -13.15 -21.12
N VAL B 123 15.45 -11.82 -21.12
CA VAL B 123 14.25 -10.99 -21.01
C VAL B 123 13.99 -10.36 -22.37
N TYR B 124 12.87 -10.73 -22.97
CA TYR B 124 12.47 -10.16 -24.26
C TYR B 124 11.74 -8.83 -24.07
N GLN B 125 12.05 -7.84 -24.92
CA GLN B 125 11.53 -6.49 -24.81
C GLN B 125 11.05 -5.99 -26.15
N SER B 126 9.96 -5.25 -26.12
CA SER B 126 9.45 -4.56 -27.31
C SER B 126 9.73 -3.06 -27.11
N ILE B 127 9.34 -2.27 -28.11
CA ILE B 127 9.41 -0.82 -27.98
C ILE B 127 8.60 -0.27 -26.79
N TYR B 128 7.62 -1.04 -26.31
CA TYR B 128 6.77 -0.64 -25.19
C TYR B 128 7.35 -1.01 -23.82
N GLY B 129 8.16 -2.05 -23.79
CA GLY B 129 8.60 -2.63 -22.51
C GLY B 129 8.68 -4.13 -22.61
N PRO B 130 8.94 -4.80 -21.49
CA PRO B 130 9.13 -6.24 -21.49
C PRO B 130 7.87 -7.01 -21.77
N LEU B 131 8.02 -8.19 -22.35
CA LEU B 131 6.86 -9.08 -22.57
C LEU B 131 6.48 -9.75 -21.26
N VAL B 132 5.19 -10.05 -21.11
CA VAL B 132 4.68 -10.68 -19.89
C VAL B 132 3.73 -11.82 -20.28
N VAL B 133 3.82 -12.92 -19.56
CA VAL B 133 2.94 -14.07 -19.80
C VAL B 133 2.16 -14.42 -18.53
N TRP B 134 0.82 -14.44 -18.67
CA TRP B 134 -0.10 -14.91 -17.64
CA TRP B 134 -0.11 -14.92 -17.64
C TRP B 134 -0.78 -16.15 -18.24
N PRO B 135 -0.31 -17.37 -17.89
CA PRO B 135 -0.85 -18.57 -18.58
C PRO B 135 -2.38 -18.65 -18.58
N GLY B 136 -2.96 -18.85 -19.77
CA GLY B 136 -4.41 -18.95 -19.95
C GLY B 136 -5.14 -17.61 -20.06
N LYS B 137 -4.39 -16.51 -19.96
CA LYS B 137 -4.98 -15.17 -20.11
C LYS B 137 -4.18 -14.25 -21.03
N LEU B 138 -2.90 -14.07 -20.71
CA LEU B 138 -2.00 -13.30 -21.56
C LEU B 138 -0.91 -14.24 -22.02
N ASP B 139 -1.18 -14.97 -23.11
CA ASP B 139 -0.19 -15.94 -23.59
C ASP B 139 0.76 -15.30 -24.59
N TRP B 140 1.85 -16.00 -24.91
CA TRP B 140 2.71 -15.66 -26.04
C TRP B 140 2.59 -16.85 -26.99
N ASN B 141 1.73 -16.72 -27.97
CA ASN B 141 1.56 -17.82 -28.92
C ASN B 141 2.11 -17.39 -30.28
N ARG B 142 1.66 -17.96 -31.39
CA ARG B 142 2.20 -17.55 -32.69
C ARG B 142 1.48 -16.36 -33.33
N SER B 143 0.41 -15.91 -32.65
CA SER B 143 -0.42 -14.82 -33.15
CA SER B 143 -0.44 -14.82 -33.15
C SER B 143 -0.24 -13.53 -32.33
N GLU B 144 -0.14 -13.67 -31.01
CA GLU B 144 -0.11 -12.50 -30.14
C GLU B 144 0.80 -12.72 -28.94
N ALA B 145 1.25 -11.60 -28.39
CA ALA B 145 1.97 -11.59 -27.11
C ALA B 145 1.59 -10.27 -26.45
N TYR B 146 1.96 -10.09 -25.16
CA TYR B 146 1.65 -8.85 -24.43
C TYR B 146 2.94 -8.26 -23.89
N ALA B 147 3.06 -6.94 -24.05
CA ALA B 147 4.15 -6.20 -23.43
C ALA B 147 3.55 -5.26 -22.37
N LEU B 148 4.38 -4.74 -21.50
CA LEU B 148 3.88 -3.89 -20.43
C LEU B 148 4.72 -2.62 -20.38
N ARG B 149 4.04 -1.46 -20.49
CA ARG B 149 4.72 -0.19 -20.36
C ARG B 149 4.34 0.45 -19.01
N ASP B 150 5.31 0.53 -18.11
CA ASP B 150 5.11 1.08 -16.77
C ASP B 150 5.51 2.57 -16.74
N ALA B 151 4.56 3.44 -16.41
CA ALA B 151 4.81 4.88 -16.48
C ALA B 151 5.84 5.31 -15.44
N ASN B 152 5.87 4.62 -14.31
CA ASN B 152 6.81 5.00 -13.24
C ASN B 152 8.27 4.64 -13.45
N LEU B 153 8.57 3.84 -14.48
CA LEU B 153 9.98 3.57 -14.81
C LEU B 153 10.80 4.81 -15.14
N GLU B 154 10.13 5.84 -15.67
CA GLU B 154 10.72 7.13 -16.04
CA GLU B 154 10.83 7.09 -15.96
C GLU B 154 10.48 8.22 -14.98
N ASN B 155 9.82 7.85 -13.89
CA ASN B 155 9.55 8.81 -12.82
C ASN B 155 10.77 8.93 -11.90
N THR B 156 11.67 9.84 -12.26
CA THR B 156 12.88 10.04 -11.47
C THR B 156 12.60 11.08 -10.38
N ARG B 157 11.35 11.52 -10.28
CA ARG B 157 11.00 12.66 -9.42
C ARG B 157 10.43 12.27 -8.05
N VAL B 158 10.32 10.96 -7.78
CA VAL B 158 9.59 10.48 -6.60
C VAL B 158 10.16 10.97 -5.26
N LEU B 159 11.49 10.97 -5.12
CA LEU B 159 12.10 11.35 -3.83
C LEU B 159 12.02 12.86 -3.63
N GLN B 160 12.31 13.60 -4.70
CA GLN B 160 12.20 15.05 -4.71
C GLN B 160 10.75 15.43 -4.35
N GLN B 161 9.79 14.64 -4.86
CA GLN B 161 8.38 14.96 -4.65
C GLN B 161 8.01 14.93 -3.17
N TRP B 162 8.46 13.88 -2.46
CA TRP B 162 8.14 13.80 -1.03
C TRP B 162 8.97 14.77 -0.19
N TYR B 163 10.22 15.02 -0.59
CA TYR B 163 10.96 16.07 0.10
C TYR B 163 10.23 17.44 -0.02
N SER B 164 9.66 17.68 -1.19
CA SER B 164 8.89 18.89 -1.42
C SER B 164 7.60 18.90 -0.57
N ILE B 165 6.87 17.79 -0.55
CA ILE B 165 5.69 17.66 0.31
C ILE B 165 6.05 17.95 1.78
N ASN B 166 7.20 17.42 2.21
CA ASN B 166 7.70 17.62 3.58
C ASN B 166 7.92 19.12 3.91
N GLN B 167 8.15 19.93 2.88
CA GLN B 167 8.41 21.37 3.03
C GLN B 167 7.15 22.23 2.83
N ALA B 168 6.03 21.57 2.51
CA ALA B 168 4.78 22.30 2.21
C ALA B 168 4.19 23.00 3.43
N SER B 169 3.69 24.21 3.23
CA SER B 169 3.21 25.00 4.36
C SER B 169 1.73 24.76 4.69
N ASP B 170 0.89 24.79 3.66
CA ASP B 170 -0.54 24.59 3.84
C ASP B 170 -1.09 23.82 2.65
N VAL B 171 -2.41 23.71 2.57
CA VAL B 171 -3.03 22.90 1.53
C VAL B 171 -2.77 23.47 0.12
N ALA B 172 -2.86 24.79 -0.02
CA ALA B 172 -2.61 25.43 -1.30
C ALA B 172 -1.19 25.15 -1.77
N ASP B 173 -0.23 25.24 -0.84
CA ASP B 173 1.19 25.03 -1.14
C ASP B 173 1.45 23.57 -1.51
N LEU B 174 0.83 22.65 -0.77
CA LEU B 174 0.93 21.22 -1.07
C LEU B 174 0.43 20.93 -2.49
N ARG B 175 -0.73 21.48 -2.86
CA ARG B 175 -1.29 21.28 -4.19
C ARG B 175 -0.34 21.80 -5.29
N ARG B 176 0.19 23.01 -5.11
CA ARG B 176 1.16 23.57 -6.06
C ARG B 176 2.37 22.65 -6.23
N ARG B 177 2.89 22.16 -5.11
CA ARG B 177 4.12 21.37 -5.11
C ARG B 177 3.93 20.02 -5.79
N VAL B 178 2.76 19.44 -5.63
CA VAL B 178 2.44 18.16 -6.26
C VAL B 178 2.11 18.34 -7.75
N GLU B 179 1.29 19.33 -8.06
CA GLU B 179 0.92 19.55 -9.46
C GLU B 179 2.12 19.99 -10.31
N ALA B 180 3.08 20.69 -9.70
CA ALA B 180 4.28 21.16 -10.40
C ALA B 180 5.24 20.05 -10.77
N LEU B 181 5.37 19.05 -9.89
CA LEU B 181 6.40 18.04 -10.10
C LEU B 181 5.84 16.73 -10.67
N GLN B 182 4.61 16.41 -10.31
CA GLN B 182 3.96 15.16 -10.74
C GLN B 182 4.84 13.95 -10.46
N GLY B 183 5.35 13.87 -9.24
CA GLY B 183 6.24 12.76 -8.86
C GLY B 183 5.62 11.65 -8.04
N ILE B 184 4.31 11.74 -7.77
CA ILE B 184 3.63 10.71 -6.96
C ILE B 184 3.31 9.48 -7.81
N PRO B 185 3.81 8.29 -7.43
CA PRO B 185 3.67 7.15 -8.34
C PRO B 185 2.28 6.55 -8.44
N TRP B 186 1.62 6.28 -7.31
CA TRP B 186 0.40 5.45 -7.38
C TRP B 186 -0.56 5.62 -6.21
N VAL B 187 -0.53 6.80 -5.61
CA VAL B 187 -1.46 7.07 -4.50
C VAL B 187 -2.23 8.37 -4.68
N ASN B 188 -3.42 8.40 -4.09
CA ASN B 188 -4.15 9.63 -3.78
C ASN B 188 -3.45 10.38 -2.65
N THR B 189 -3.73 11.67 -2.55
CA THR B 189 -3.26 12.49 -1.43
C THR B 189 -4.47 13.21 -0.82
N LEU B 190 -4.59 13.15 0.50
CA LEU B 190 -5.64 13.89 1.21
C LEU B 190 -4.96 14.73 2.28
N ALA B 191 -5.44 15.93 2.53
CA ALA B 191 -4.76 16.81 3.47
C ALA B 191 -5.72 17.78 4.09
N ALA B 192 -5.31 18.30 5.25
CA ALA B 192 -6.04 19.36 5.93
C ALA B 192 -5.02 20.35 6.49
N ASP B 193 -5.42 21.62 6.59
CA ASP B 193 -4.51 22.60 7.14
C ASP B 193 -5.17 23.40 8.25
N GLU B 194 -4.36 24.21 8.94
CA GLU B 194 -4.84 24.98 10.11
C GLU B 194 -6.02 25.89 9.76
N GLN B 195 -5.99 26.46 8.57
CA GLN B 195 -7.07 27.40 8.18
C GLN B 195 -8.39 26.69 7.82
N GLY B 196 -8.38 25.36 7.76
CA GLY B 196 -9.62 24.58 7.60
C GLY B 196 -9.98 24.19 6.17
N ASN B 197 -8.97 24.10 5.30
CA ASN B 197 -9.17 23.55 3.97
C ASN B 197 -9.01 22.04 4.04
N ALA B 198 -9.86 21.32 3.31
CA ALA B 198 -9.73 19.87 3.15
C ALA B 198 -9.49 19.57 1.67
N LEU B 199 -8.40 18.85 1.38
CA LEU B 199 -7.99 18.64 -0.01
C LEU B 199 -7.94 17.15 -0.35
N TYR B 200 -8.50 16.79 -1.50
CA TYR B 200 -8.25 15.49 -2.09
C TYR B 200 -7.60 15.69 -3.47
N MET B 201 -6.56 14.92 -3.75
CA MET B 201 -5.94 14.90 -5.09
C MET B 201 -5.73 13.46 -5.55
N ASN B 202 -6.13 13.18 -6.77
CA ASN B 202 -5.82 11.93 -7.46
C ASN B 202 -4.70 12.32 -8.42
N GLN B 203 -3.60 12.84 -7.85
CA GLN B 203 -2.50 13.42 -8.61
C GLN B 203 -1.32 12.46 -8.58
N SER B 204 -1.29 11.58 -9.56
CA SER B 204 -0.22 10.59 -9.67
C SER B 204 0.20 10.48 -11.12
N VAL B 205 1.12 9.55 -11.37
CA VAL B 205 1.69 9.34 -12.70
C VAL B 205 0.82 8.32 -13.45
N VAL B 206 0.09 8.81 -14.45
CA VAL B 206 -0.92 8.02 -15.16
C VAL B 206 -0.68 8.14 -16.66
N PRO B 207 -0.57 6.99 -17.38
CA PRO B 207 -0.45 7.06 -18.85
C PRO B 207 -1.55 7.89 -19.49
N TYR B 208 -1.16 8.74 -20.43
CA TYR B 208 -2.09 9.64 -21.08
C TYR B 208 -2.47 9.15 -22.46
N LEU B 209 -3.76 9.02 -22.70
CA LEU B 209 -4.26 8.82 -24.06
C LEU B 209 -5.39 9.80 -24.29
N LYS B 210 -5.28 10.57 -25.37
CA LYS B 210 -6.34 11.54 -25.71
C LYS B 210 -7.68 10.82 -25.85
N PRO B 211 -8.78 11.44 -25.38
CA PRO B 211 -10.08 10.76 -25.26
C PRO B 211 -10.63 10.15 -26.56
N GLU B 212 -10.38 10.81 -27.69
CA GLU B 212 -10.84 10.32 -28.98
C GLU B 212 -10.17 9.00 -29.40
N LEU B 213 -9.04 8.67 -28.78
CA LEU B 213 -8.28 7.46 -29.13
C LEU B 213 -8.74 6.22 -28.37
N ILE B 214 -9.39 6.43 -27.23
CA ILE B 214 -9.72 5.30 -26.33
C ILE B 214 -10.60 4.18 -26.95
N PRO B 215 -11.73 4.54 -27.62
CA PRO B 215 -12.62 3.50 -28.17
C PRO B 215 -11.95 2.52 -29.14
N ALA B 216 -11.00 2.99 -29.94
CA ALA B 216 -10.33 2.10 -30.88
C ALA B 216 -9.02 1.54 -30.32
N CYS B 217 -8.42 2.24 -29.37
CA CYS B 217 -7.11 1.78 -28.83
C CYS B 217 -7.19 0.79 -27.67
N ALA B 218 -8.33 0.74 -27.00
CA ALA B 218 -8.53 -0.23 -25.90
C ALA B 218 -8.71 -1.66 -26.42
N ILE B 219 -8.31 -2.66 -25.62
CA ILE B 219 -8.63 -4.07 -25.89
C ILE B 219 -9.96 -4.34 -25.17
N PRO B 220 -11.07 -4.47 -25.92
CA PRO B 220 -12.39 -4.44 -25.27
C PRO B 220 -12.56 -5.50 -24.18
N GLN B 221 -12.12 -6.73 -24.46
CA GLN B 221 -12.24 -7.84 -23.50
C GLN B 221 -11.50 -7.54 -22.20
N LEU B 222 -10.34 -6.89 -22.27
CA LEU B 222 -9.54 -6.68 -21.06
C LEU B 222 -9.94 -5.46 -20.27
N VAL B 223 -10.33 -4.39 -20.96
CA VAL B 223 -10.76 -3.18 -20.26
C VAL B 223 -12.05 -3.46 -19.48
N ALA B 224 -12.87 -4.36 -20.02
CA ALA B 224 -14.08 -4.82 -19.36
C ALA B 224 -13.80 -5.39 -17.97
N GLU B 225 -12.60 -5.92 -17.78
CA GLU B 225 -12.16 -6.55 -16.53
C GLU B 225 -11.27 -5.63 -15.70
N GLY B 226 -11.09 -4.39 -16.14
CA GLY B 226 -10.34 -3.39 -15.40
C GLY B 226 -8.85 -3.41 -15.64
N LEU B 227 -8.41 -4.13 -16.67
CA LEU B 227 -6.98 -4.18 -16.99
C LEU B 227 -6.68 -3.12 -18.04
N PRO B 228 -5.69 -2.23 -17.77
CA PRO B 228 -5.41 -1.21 -18.78
C PRO B 228 -4.62 -1.87 -19.91
N ALA B 229 -5.26 -1.93 -21.07
CA ALA B 229 -4.69 -2.67 -22.18
C ALA B 229 -4.96 -1.92 -23.46
N LEU B 230 -3.93 -1.79 -24.28
CA LEU B 230 -4.04 -1.07 -25.56
C LEU B 230 -3.57 -1.92 -26.74
N GLN B 231 -3.95 -1.49 -27.95
CA GLN B 231 -3.58 -2.16 -29.20
C GLN B 231 -2.14 -1.80 -29.55
N GLY B 232 -1.23 -2.75 -29.42
CA GLY B 232 0.18 -2.49 -29.71
C GLY B 232 0.65 -2.65 -31.14
N GLN B 233 -0.29 -2.85 -32.08
CA GLN B 233 0.03 -2.98 -33.50
C GLN B 233 -0.21 -1.68 -34.28
N ASP B 234 -0.59 -0.62 -33.56
CA ASP B 234 -0.98 0.66 -34.18
C ASP B 234 -0.16 1.75 -33.51
N SER B 235 0.66 2.46 -34.27
CA SER B 235 1.47 3.54 -33.68
C SER B 235 0.63 4.66 -33.06
N ARG B 236 -0.64 4.77 -33.45
CA ARG B 236 -1.50 5.81 -32.93
C ARG B 236 -1.93 5.52 -31.48
N CYS B 237 -1.67 4.30 -31.00
CA CYS B 237 -2.02 3.94 -29.63
C CYS B 237 -0.86 4.16 -28.65
N ALA B 238 0.22 4.79 -29.12
CA ALA B 238 1.27 5.28 -28.21
C ALA B 238 0.67 6.29 -27.24
N TRP B 239 1.20 6.34 -26.00
CA TRP B 239 0.76 7.37 -25.07
C TRP B 239 0.91 8.74 -25.71
N SER B 240 -0.10 9.59 -25.47
CA SER B 240 -0.17 10.93 -26.07
C SER B 240 0.84 11.86 -25.41
N ARG B 241 1.35 12.81 -26.20
CA ARG B 241 2.30 13.79 -25.68
C ARG B 241 1.56 15.09 -25.42
N ASP B 242 1.80 15.67 -24.25
CA ASP B 242 1.26 16.98 -23.93
C ASP B 242 2.37 17.74 -23.24
N PRO B 243 2.74 18.92 -23.77
CA PRO B 243 3.86 19.68 -23.20
C PRO B 243 3.68 20.10 -21.74
N ALA B 244 2.44 20.13 -21.26
CA ALA B 244 2.15 20.54 -19.88
C ALA B 244 2.46 19.44 -18.86
N ALA B 245 2.60 18.20 -19.34
CA ALA B 245 2.92 17.08 -18.46
C ALA B 245 4.38 17.10 -18.06
N ALA B 246 4.67 16.71 -16.82
CA ALA B 246 6.05 16.75 -16.30
C ALA B 246 6.95 15.70 -16.94
N GLN B 247 6.34 14.69 -17.56
CA GLN B 247 7.06 13.54 -18.08
C GLN B 247 6.38 13.10 -19.39
N ALA B 248 7.17 12.81 -20.42
CA ALA B 248 6.60 12.45 -21.73
C ALA B 248 5.64 11.25 -21.65
N GLY B 249 4.39 11.44 -22.12
CA GLY B 249 3.41 10.34 -22.09
C GLY B 249 2.51 10.26 -20.87
N ILE B 250 2.71 11.11 -19.85
CA ILE B 250 1.82 11.07 -18.69
C ILE B 250 0.72 12.16 -18.75
N THR B 251 -0.32 11.98 -17.93
CA THR B 251 -1.49 12.84 -17.96
C THR B 251 -1.14 14.17 -17.28
N PRO B 252 -1.40 15.32 -17.93
CA PRO B 252 -1.15 16.60 -17.27
C PRO B 252 -1.98 16.78 -15.99
N ALA B 253 -1.44 17.52 -15.03
CA ALA B 253 -2.08 17.72 -13.73
C ALA B 253 -3.51 18.28 -13.83
N ALA B 254 -3.74 19.16 -14.80
CA ALA B 254 -5.06 19.75 -15.02
C ALA B 254 -6.18 18.75 -15.35
N GLN B 255 -5.79 17.56 -15.82
CA GLN B 255 -6.75 16.52 -16.22
C GLN B 255 -6.99 15.45 -15.17
N LEU B 256 -6.40 15.63 -13.99
CA LEU B 256 -6.52 14.66 -12.91
C LEU B 256 -7.41 15.22 -11.81
N PRO B 257 -8.16 14.34 -11.10
CA PRO B 257 -9.14 14.87 -10.13
C PRO B 257 -8.52 15.59 -8.94
N VAL B 258 -9.14 16.73 -8.60
CA VAL B 258 -8.81 17.48 -7.38
C VAL B 258 -10.12 17.99 -6.79
N LEU B 259 -10.26 17.89 -5.47
CA LEU B 259 -11.43 18.44 -4.78
C LEU B 259 -10.99 19.20 -3.55
N LEU B 260 -11.30 20.50 -3.52
CA LEU B 260 -10.91 21.34 -2.41
C LEU B 260 -12.19 21.78 -1.74
N ARG B 261 -12.36 21.44 -0.48
CA ARG B 261 -13.62 21.73 0.22
C ARG B 261 -13.40 22.22 1.64
N ARG B 262 -14.46 22.76 2.25
CA ARG B 262 -14.36 23.17 3.65
C ARG B 262 -15.16 22.25 4.57
N ASP B 263 -15.83 21.24 4.02
CA ASP B 263 -16.56 20.28 4.86
C ASP B 263 -15.75 19.00 5.12
N PHE B 264 -15.64 18.14 4.12
CA PHE B 264 -14.77 16.96 4.23
C PHE B 264 -14.45 16.39 2.87
N VAL B 265 -13.37 15.61 2.82
CA VAL B 265 -13.10 14.68 1.73
C VAL B 265 -12.67 13.34 2.36
N GLN B 266 -12.94 12.24 1.67
CA GLN B 266 -12.54 10.94 2.20
C GLN B 266 -12.15 10.02 1.06
N ASN B 267 -11.32 9.04 1.36
CA ASN B 267 -11.10 7.97 0.39
C ASN B 267 -10.73 6.68 1.09
N SER B 268 -11.29 5.57 0.59
CA SER B 268 -10.99 4.23 1.07
C SER B 268 -10.70 3.31 -0.12
N ASN B 269 -9.84 3.78 -1.04
CA ASN B 269 -9.36 3.00 -2.22
C ASN B 269 -10.35 2.84 -3.36
N ASP B 270 -11.48 3.54 -3.30
CA ASP B 270 -12.34 3.62 -4.48
C ASP B 270 -11.84 4.77 -5.36
N SER B 271 -12.48 4.96 -6.51
CA SER B 271 -12.11 6.05 -7.40
C SER B 271 -12.40 7.43 -6.79
N ALA B 272 -11.98 8.46 -7.52
CA ALA B 272 -12.29 9.84 -7.12
C ALA B 272 -13.78 10.17 -6.99
N TRP B 273 -14.63 9.39 -7.65
CA TRP B 273 -16.05 9.72 -7.83
C TRP B 273 -16.76 10.30 -6.59
N LEU B 274 -16.79 9.53 -5.50
CA LEU B 274 -17.60 9.92 -4.35
C LEU B 274 -16.77 10.38 -3.16
N THR B 275 -15.63 10.99 -3.45
CA THR B 275 -14.77 11.63 -2.44
C THR B 275 -15.60 12.49 -1.46
N ASN B 276 -16.50 13.29 -2.04
CA ASN B 276 -17.61 13.89 -1.28
C ASN B 276 -18.82 13.92 -2.21
N PRO B 277 -19.86 13.13 -1.88
CA PRO B 277 -21.01 12.94 -2.75
C PRO B 277 -21.79 14.23 -3.04
N ALA B 278 -21.54 15.29 -2.28
CA ALA B 278 -22.16 16.60 -2.55
C ALA B 278 -21.54 17.26 -3.80
N SER B 279 -20.37 16.79 -4.20
CA SER B 279 -19.66 17.27 -5.38
C SER B 279 -18.97 16.10 -6.08
N PRO B 280 -19.75 15.26 -6.78
CA PRO B 280 -19.12 14.08 -7.39
C PRO B 280 -18.12 14.46 -8.47
N LEU B 281 -17.05 13.67 -8.57
CA LEU B 281 -16.00 13.89 -9.55
C LEU B 281 -16.21 12.94 -10.71
N GLN B 282 -16.59 13.51 -11.85
CA GLN B 282 -17.03 12.74 -13.02
C GLN B 282 -16.34 13.31 -14.27
N GLY B 283 -16.37 12.54 -15.36
CA GLY B 283 -15.87 13.01 -16.65
C GLY B 283 -14.37 12.83 -16.91
N PHE B 284 -13.74 11.97 -16.12
CA PHE B 284 -12.32 11.68 -16.31
C PHE B 284 -12.10 10.49 -17.24
N SER B 285 -10.88 10.37 -17.75
CA SER B 285 -10.46 9.21 -18.53
C SER B 285 -10.69 7.91 -17.74
N PRO B 286 -11.03 6.82 -18.43
CA PRO B 286 -11.17 5.54 -17.74
C PRO B 286 -9.87 5.05 -17.11
N LEU B 287 -8.73 5.51 -17.62
CA LEU B 287 -7.42 5.24 -16.98
C LEU B 287 -7.24 6.00 -15.65
N VAL B 288 -8.09 6.99 -15.42
CA VAL B 288 -7.93 7.92 -14.30
C VAL B 288 -8.95 7.64 -13.20
N SER B 289 -10.24 7.68 -13.53
CA SER B 289 -11.26 7.50 -12.51
C SER B 289 -12.56 7.14 -13.18
N GLN B 290 -13.23 6.11 -12.65
CA GLN B 290 -14.52 5.67 -13.16
C GLN B 290 -15.59 5.65 -12.07
N GLU B 291 -16.84 5.80 -12.49
CA GLU B 291 -17.96 5.77 -11.56
C GLU B 291 -18.38 4.33 -11.27
N LYS B 292 -17.71 3.71 -10.30
CA LYS B 292 -17.96 2.32 -9.93
C LYS B 292 -18.55 2.22 -8.54
N PRO B 293 -19.25 1.11 -8.23
CA PRO B 293 -19.82 0.95 -6.88
C PRO B 293 -18.71 1.04 -5.83
N ILE B 294 -18.97 1.73 -4.73
CA ILE B 294 -17.94 1.89 -3.70
C ILE B 294 -17.94 0.73 -2.71
N GLY B 295 -16.76 0.45 -2.16
CA GLY B 295 -16.57 -0.59 -1.15
C GLY B 295 -17.23 -0.29 0.18
N PRO B 296 -17.38 -1.31 1.03
CA PRO B 296 -18.07 -1.12 2.30
C PRO B 296 -17.33 -0.18 3.27
N ARG B 297 -16.00 -0.05 3.16
CA ARG B 297 -15.29 0.92 4.00
C ARG B 297 -15.68 2.36 3.68
N ALA B 298 -15.74 2.72 2.39
CA ALA B 298 -16.18 4.07 2.00
C ALA B 298 -17.64 4.28 2.34
N ARG B 299 -18.46 3.24 2.19
CA ARG B 299 -19.88 3.36 2.52
C ARG B 299 -20.05 3.61 4.00
N TYR B 300 -19.24 2.94 4.80
CA TYR B 300 -19.22 3.13 6.23
C TYR B 300 -18.82 4.58 6.56
N ALA B 301 -17.71 5.04 5.99
CA ALA B 301 -17.25 6.39 6.29
C ALA B 301 -18.27 7.44 5.90
N LEU B 302 -18.83 7.32 4.70
CA LEU B 302 -19.85 8.28 4.26
C LEU B 302 -21.09 8.24 5.15
N SER B 303 -21.45 7.07 5.68
CA SER B 303 -22.59 6.96 6.59
C SER B 303 -22.33 7.75 7.89
N ARG B 304 -21.07 7.79 8.34
CA ARG B 304 -20.73 8.51 9.56
C ARG B 304 -20.50 10.01 9.30
N LEU B 305 -20.09 10.35 8.07
CA LEU B 305 -19.65 11.72 7.76
C LEU B 305 -20.74 12.64 7.23
N GLN B 306 -21.70 12.08 6.52
CA GLN B 306 -22.74 12.90 5.92
C GLN B 306 -23.67 13.51 6.98
N GLY B 307 -24.18 14.70 6.68
CA GLY B 307 -25.03 15.43 7.63
C GLY B 307 -24.36 16.74 7.98
N LYS B 308 -24.84 17.40 9.02
CA LYS B 308 -24.37 18.77 9.31
C LYS B 308 -23.67 18.94 10.66
N GLN B 309 -23.62 17.88 11.46
CA GLN B 309 -23.06 17.98 12.79
C GLN B 309 -21.54 18.07 12.78
N PRO B 310 -20.97 18.88 13.70
CA PRO B 310 -19.53 19.00 13.79
C PRO B 310 -18.86 17.65 14.07
N LEU B 311 -17.65 17.50 13.57
CA LEU B 311 -16.88 16.28 13.74
C LEU B 311 -15.76 16.63 14.70
N GLU B 312 -15.66 15.86 15.79
CA GLU B 312 -14.58 16.01 16.76
C GLU B 312 -13.51 14.96 16.50
N ALA B 313 -12.29 15.21 16.99
CA ALA B 313 -11.21 14.22 16.88
C ALA B 313 -11.67 12.83 17.35
N LYS B 314 -12.34 12.79 18.50
CA LYS B 314 -12.82 11.56 19.11
C LYS B 314 -13.73 10.76 18.16
N THR B 315 -14.56 11.46 17.39
CA THR B 315 -15.43 10.80 16.41
C THR B 315 -14.62 10.06 15.34
N LEU B 316 -13.57 10.69 14.83
CA LEU B 316 -12.75 10.05 13.82
C LEU B 316 -11.98 8.88 14.41
N GLU B 317 -11.41 9.06 15.60
CA GLU B 317 -10.72 7.95 16.28
C GLU B 317 -11.67 6.75 16.42
N GLU B 318 -12.90 7.00 16.87
CA GLU B 318 -13.86 5.92 17.10
C GLU B 318 -14.34 5.23 15.81
N MET B 319 -14.22 5.90 14.67
CA MET B 319 -14.48 5.24 13.40
C MET B 319 -13.52 4.07 13.18
N VAL B 320 -12.28 4.25 13.64
CA VAL B 320 -11.29 3.18 13.62
C VAL B 320 -11.51 2.18 14.75
N THR B 321 -11.62 2.68 15.98
CA THR B 321 -11.58 1.79 17.14
C THR B 321 -12.90 1.06 17.44
N ALA B 322 -13.98 1.43 16.75
CA ALA B 322 -15.25 0.71 16.89
C ALA B 322 -15.18 -0.72 16.33
N ASN B 323 -14.27 -0.95 15.37
CA ASN B 323 -14.20 -2.25 14.66
C ASN B 323 -15.55 -2.72 14.14
N HIS B 324 -16.35 -1.80 13.64
CA HIS B 324 -17.67 -2.17 13.13
C HIS B 324 -17.57 -2.91 11.80
N VAL B 325 -18.25 -4.06 11.71
CA VAL B 325 -18.21 -4.86 10.50
C VAL B 325 -19.37 -4.37 9.61
N PHE B 326 -19.07 -3.37 8.79
CA PHE B 326 -20.15 -2.68 8.07
C PHE B 326 -20.89 -3.54 7.04
N SER B 327 -20.20 -4.51 6.45
CA SER B 327 -20.87 -5.43 5.52
C SER B 327 -22.04 -6.18 6.19
N ALA B 328 -21.94 -6.41 7.49
CA ALA B 328 -23.07 -7.00 8.23
C ALA B 328 -24.35 -6.16 8.14
N ASP B 329 -24.21 -4.83 8.07
CA ASP B 329 -25.37 -3.94 7.88
C ASP B 329 -26.14 -4.28 6.60
N GLN B 330 -25.44 -4.80 5.59
CA GLN B 330 -26.07 -5.11 4.30
C GLN B 330 -26.82 -6.43 4.28
N VAL B 331 -26.42 -7.39 5.11
CA VAL B 331 -27.01 -8.73 4.98
C VAL B 331 -27.50 -9.39 6.28
N LEU B 332 -26.96 -8.98 7.43
CA LEU B 332 -27.30 -9.70 8.68
C LEU B 332 -28.79 -9.63 9.06
N PRO B 333 -29.47 -8.50 8.84
CA PRO B 333 -30.91 -8.52 9.13
C PRO B 333 -31.67 -9.61 8.37
N ASP B 334 -31.42 -9.74 7.06
CA ASP B 334 -32.06 -10.80 6.28
C ASP B 334 -31.53 -12.19 6.63
N LEU B 335 -30.25 -12.27 6.99
CA LEU B 335 -29.68 -13.55 7.44
C LEU B 335 -30.37 -14.04 8.72
N LEU B 336 -30.60 -13.13 9.67
CA LEU B 336 -31.29 -13.49 10.89
C LEU B 336 -32.75 -13.92 10.64
N ARG B 337 -33.40 -13.31 9.65
CA ARG B 337 -34.75 -13.67 9.26
C ARG B 337 -34.78 -15.09 8.67
N LEU B 338 -33.79 -15.39 7.82
CA LEU B 338 -33.64 -16.73 7.26
C LEU B 338 -33.44 -17.77 8.37
N CYS B 339 -32.60 -17.42 9.33
CA CYS B 339 -32.39 -18.23 10.54
C CYS B 339 -33.71 -18.53 11.28
N ARG B 340 -34.51 -17.50 11.52
CA ARG B 340 -35.81 -17.69 12.18
C ARG B 340 -36.78 -18.54 11.33
N ASP B 341 -36.70 -18.41 10.00
CA ASP B 341 -37.51 -19.22 9.08
C ASP B 341 -37.13 -20.71 9.08
N ASN B 342 -35.97 -21.02 9.64
CA ASN B 342 -35.42 -22.37 9.62
C ASN B 342 -35.12 -22.91 11.02
N GLN B 343 -35.88 -22.48 12.01
CA GLN B 343 -35.72 -22.94 13.39
C GLN B 343 -35.96 -24.45 13.43
N GLY B 344 -35.02 -25.18 14.02
CA GLY B 344 -35.14 -26.64 14.10
C GLY B 344 -34.32 -27.40 13.05
N GLU B 345 -33.60 -26.66 12.22
CA GLU B 345 -32.66 -27.27 11.27
C GLU B 345 -31.30 -27.35 11.95
N LYS B 346 -30.87 -28.58 12.25
CA LYS B 346 -29.66 -28.84 13.05
C LYS B 346 -28.37 -28.27 12.46
N SER B 347 -28.28 -28.25 11.14
CA SER B 347 -27.09 -27.73 10.44
C SER B 347 -26.91 -26.21 10.63
N LEU B 348 -27.96 -25.53 11.11
CA LEU B 348 -27.94 -24.06 11.20
C LEU B 348 -27.95 -23.50 12.63
N ALA B 349 -28.21 -24.37 13.61
CA ALA B 349 -28.42 -23.96 15.00
C ALA B 349 -27.25 -23.17 15.64
N ARG B 350 -26.05 -23.73 15.58
CA ARG B 350 -24.86 -23.09 16.14
C ARG B 350 -24.57 -21.76 15.44
N ALA B 351 -24.65 -21.76 14.10
CA ALA B 351 -24.40 -20.56 13.31
C ALA B 351 -25.40 -19.46 13.62
N CYS B 352 -26.70 -19.82 13.67
CA CYS B 352 -27.72 -18.82 13.90
C CYS B 352 -27.64 -18.20 15.30
N ALA B 353 -27.31 -19.02 16.30
CA ALA B 353 -27.13 -18.53 17.68
C ALA B 353 -25.92 -17.61 17.77
N ALA B 354 -24.82 -18.01 17.14
CA ALA B 354 -23.59 -17.21 17.12
C ALA B 354 -23.83 -15.85 16.44
N LEU B 355 -24.58 -15.88 15.34
CA LEU B 355 -24.89 -14.65 14.59
C LEU B 355 -25.82 -13.71 15.36
N ALA B 356 -26.82 -14.28 16.05
CA ALA B 356 -27.74 -13.50 16.87
C ALA B 356 -27.07 -12.84 18.10
N GLN B 357 -26.08 -13.51 18.67
CA GLN B 357 -25.38 -13.02 19.86
C GLN B 357 -24.30 -11.99 19.55
N TRP B 358 -23.87 -11.96 18.29
CA TRP B 358 -22.73 -11.18 17.83
C TRP B 358 -22.93 -9.67 17.89
N ASP B 359 -21.91 -8.95 18.37
CA ASP B 359 -21.94 -7.49 18.45
C ASP B 359 -21.71 -6.75 17.12
N ARG B 360 -21.67 -7.51 16.02
CA ARG B 360 -21.39 -6.99 14.68
C ARG B 360 -20.03 -6.30 14.60
N GLY B 361 -19.12 -6.71 15.48
CA GLY B 361 -17.80 -6.11 15.56
C GLY B 361 -16.66 -7.08 15.29
N ALA B 362 -15.47 -6.51 15.12
CA ALA B 362 -14.22 -7.27 15.04
C ALA B 362 -13.34 -6.90 16.24
N ASN B 363 -13.97 -6.72 17.39
CA ASN B 363 -13.26 -6.46 18.65
C ASN B 363 -12.58 -7.74 19.16
N LEU B 364 -11.61 -7.58 20.05
CA LEU B 364 -10.99 -8.71 20.71
C LEU B 364 -12.02 -9.65 21.34
N ASP B 365 -13.06 -9.06 21.95
CA ASP B 365 -14.07 -9.83 22.66
CA ASP B 365 -14.07 -9.83 22.66
C ASP B 365 -15.29 -10.19 21.80
N SER B 366 -15.25 -9.85 20.50
CA SER B 366 -16.36 -10.21 19.59
C SER B 366 -16.53 -11.73 19.48
N GLY B 367 -17.77 -12.18 19.49
CA GLY B 367 -18.07 -13.62 19.49
C GLY B 367 -17.79 -14.29 18.15
N SER B 368 -17.94 -15.62 18.13
CA SER B 368 -17.70 -16.44 16.94
C SER B 368 -18.61 -16.11 15.76
N GLY B 369 -19.66 -15.35 16.01
CA GLY B 369 -20.51 -14.80 14.94
C GLY B 369 -19.73 -14.13 13.83
N PHE B 370 -18.65 -13.42 14.18
CA PHE B 370 -17.82 -12.80 13.17
C PHE B 370 -17.21 -13.84 12.22
N VAL B 371 -16.74 -14.96 12.77
CA VAL B 371 -16.16 -16.03 11.94
C VAL B 371 -17.20 -16.69 11.03
N TYR B 372 -18.38 -17.01 11.59
CA TYR B 372 -19.48 -17.52 10.78
C TYR B 372 -19.84 -16.53 9.67
N PHE B 373 -19.90 -15.25 10.02
CA PHE B 373 -20.27 -14.21 9.04
C PHE B 373 -19.27 -14.12 7.90
N GLN B 374 -17.98 -14.11 8.23
CA GLN B 374 -16.93 -14.07 7.20
C GLN B 374 -17.02 -15.24 6.21
N ARG B 375 -17.18 -16.46 6.72
CA ARG B 375 -17.25 -17.63 5.86
C ARG B 375 -18.53 -17.59 5.01
N PHE B 376 -19.62 -17.09 5.59
CA PHE B 376 -20.84 -16.90 4.83
C PHE B 376 -20.63 -15.89 3.69
N MET B 377 -20.03 -14.75 4.00
CA MET B 377 -19.87 -13.67 3.01
C MET B 377 -19.00 -14.06 1.84
N GLN B 378 -17.98 -14.87 2.11
CA GLN B 378 -17.11 -15.37 1.05
C GLN B 378 -17.91 -16.23 0.06
N ARG B 379 -18.95 -16.90 0.57
CA ARG B 379 -19.81 -17.72 -0.28
C ARG B 379 -20.92 -16.87 -0.94
N PHE B 380 -21.45 -15.89 -0.20
CA PHE B 380 -22.49 -14.98 -0.71
C PHE B 380 -21.96 -14.21 -1.93
N ALA B 381 -20.70 -13.80 -1.85
CA ALA B 381 -20.01 -13.09 -2.93
C ALA B 381 -19.97 -13.85 -4.25
N GLU B 382 -20.11 -15.18 -4.19
CA GLU B 382 -20.11 -16.04 -5.36
C GLU B 382 -21.50 -16.33 -5.92
N LEU B 383 -22.55 -15.85 -5.24
CA LEU B 383 -23.92 -16.09 -5.68
C LEU B 383 -24.36 -15.08 -6.73
N ASP B 384 -25.17 -15.54 -7.67
CA ASP B 384 -25.71 -14.67 -8.74
C ASP B 384 -27.06 -14.09 -8.35
N GLY B 385 -27.16 -12.76 -8.41
CA GLY B 385 -28.43 -12.05 -8.24
C GLY B 385 -29.14 -12.25 -6.91
N ALA B 386 -28.36 -12.31 -5.82
CA ALA B 386 -28.91 -12.57 -4.48
C ALA B 386 -29.21 -11.28 -3.68
N TRP B 387 -28.73 -10.14 -4.17
CA TRP B 387 -29.02 -8.86 -3.52
C TRP B 387 -30.50 -8.50 -3.69
N LYS B 388 -31.15 -8.07 -2.61
CA LYS B 388 -32.53 -7.59 -2.68
C LYS B 388 -32.57 -6.30 -3.51
N GLU B 389 -31.69 -5.37 -3.17
CA GLU B 389 -31.50 -4.16 -3.95
C GLU B 389 -30.08 -4.19 -4.50
N PRO B 390 -29.91 -4.46 -5.82
CA PRO B 390 -28.58 -4.43 -6.43
C PRO B 390 -28.03 -3.00 -6.50
N PHE B 391 -26.75 -2.86 -6.90
CA PHE B 391 -26.16 -1.54 -7.11
C PHE B 391 -27.04 -0.65 -7.97
N ASP B 392 -27.30 0.55 -7.46
CA ASP B 392 -28.06 1.57 -8.17
C ASP B 392 -27.17 2.81 -8.25
N ALA B 393 -26.79 3.20 -9.46
CA ALA B 393 -25.87 4.33 -9.67
C ALA B 393 -26.42 5.65 -9.11
N GLN B 394 -27.74 5.71 -8.98
CA GLN B 394 -28.44 6.87 -8.43
C GLN B 394 -28.52 6.81 -6.90
N ARG B 395 -28.26 5.63 -6.33
CA ARG B 395 -28.23 5.46 -4.87
C ARG B 395 -26.95 4.73 -4.43
N PRO B 396 -25.76 5.25 -4.79
CA PRO B 396 -24.51 4.52 -4.61
C PRO B 396 -24.06 4.35 -3.15
N LEU B 397 -24.66 5.11 -2.24
CA LEU B 397 -24.28 5.04 -0.84
C LEU B 397 -25.03 3.93 -0.08
N ASP B 398 -26.16 3.51 -0.63
CA ASP B 398 -27.10 2.60 0.04
C ASP B 398 -27.33 1.28 -0.68
N THR B 399 -26.63 1.09 -1.79
CA THR B 399 -26.76 -0.14 -2.58
C THR B 399 -25.38 -0.71 -2.91
N PRO B 400 -25.27 -2.05 -2.98
CA PRO B 400 -26.32 -3.06 -2.78
C PRO B 400 -26.70 -3.26 -1.31
N GLN B 401 -27.88 -3.83 -1.07
CA GLN B 401 -28.43 -3.98 0.29
C GLN B 401 -29.45 -5.12 0.32
N GLY B 402 -29.39 -5.95 1.36
CA GLY B 402 -30.41 -6.96 1.62
C GLY B 402 -30.27 -8.23 0.79
N ILE B 403 -30.94 -9.29 1.25
CA ILE B 403 -30.95 -10.56 0.52
C ILE B 403 -32.34 -10.78 -0.08
N ALA B 404 -32.38 -11.15 -1.36
CA ALA B 404 -33.66 -11.37 -2.07
C ALA B 404 -34.32 -12.70 -1.67
N LEU B 405 -34.67 -12.83 -0.39
CA LEU B 405 -35.27 -14.06 0.14
C LEU B 405 -36.63 -14.39 -0.43
N ASP B 406 -37.28 -13.41 -1.05
CA ASP B 406 -38.58 -13.63 -1.72
C ASP B 406 -38.45 -14.47 -2.98
N ARG B 407 -37.24 -14.52 -3.55
CA ARG B 407 -36.93 -15.37 -4.69
C ARG B 407 -36.52 -16.76 -4.20
N PRO B 408 -37.35 -17.79 -4.45
CA PRO B 408 -37.11 -19.15 -3.95
C PRO B 408 -35.70 -19.70 -4.20
N GLN B 409 -35.18 -19.53 -5.43
CA GLN B 409 -33.85 -20.01 -5.79
C GLN B 409 -32.74 -19.32 -4.97
N VAL B 410 -32.93 -18.04 -4.68
CA VAL B 410 -31.99 -17.30 -3.85
C VAL B 410 -32.06 -17.79 -2.39
N ALA B 411 -33.27 -17.92 -1.85
CA ALA B 411 -33.44 -18.43 -0.49
C ALA B 411 -32.77 -19.80 -0.31
N THR B 412 -32.99 -20.71 -1.26
CA THR B 412 -32.34 -22.01 -1.24
C THR B 412 -30.81 -21.89 -1.26
N GLN B 413 -30.28 -21.11 -2.21
CA GLN B 413 -28.83 -20.92 -2.34
C GLN B 413 -28.18 -20.22 -1.14
N VAL B 414 -28.90 -19.26 -0.55
CA VAL B 414 -28.38 -18.55 0.62
C VAL B 414 -28.33 -19.47 1.84
N ARG B 415 -29.40 -20.25 2.03
CA ARG B 415 -29.45 -21.21 3.13
C ARG B 415 -28.34 -22.26 2.97
N GLN B 416 -28.12 -22.73 1.75
CA GLN B 416 -27.03 -23.67 1.49
C GLN B 416 -25.66 -23.04 1.75
N ALA B 417 -25.49 -21.77 1.38
CA ALA B 417 -24.25 -21.04 1.67
C ALA B 417 -23.97 -20.94 3.17
N LEU B 418 -25.02 -20.74 3.96
CA LEU B 418 -24.88 -20.64 5.42
C LEU B 418 -24.58 -21.99 6.05
N ALA B 419 -25.25 -23.04 5.57
CA ALA B 419 -24.94 -24.41 6.00
C ALA B 419 -23.50 -24.80 5.68
N ASP B 420 -23.06 -24.47 4.46
CA ASP B 420 -21.69 -24.75 4.02
C ASP B 420 -20.65 -23.97 4.85
N ALA B 421 -20.94 -22.69 5.10
CA ALA B 421 -20.09 -21.86 5.94
C ALA B 421 -19.99 -22.40 7.36
N ALA B 422 -21.12 -22.83 7.91
CA ALA B 422 -21.17 -23.38 9.26
C ALA B 422 -20.32 -24.67 9.36
N ALA B 423 -20.47 -25.54 8.36
CA ALA B 423 -19.70 -26.78 8.29
C ALA B 423 -18.18 -26.52 8.26
N GLU B 424 -17.77 -25.48 7.53
CA GLU B 424 -16.35 -25.09 7.48
C GLU B 424 -15.84 -24.57 8.83
N VAL B 425 -16.61 -23.70 9.48
CA VAL B 425 -16.23 -23.15 10.79
C VAL B 425 -16.11 -24.27 11.83
N GLU B 426 -17.07 -25.18 11.82
CA GLU B 426 -17.10 -26.26 12.80
C GLU B 426 -16.01 -27.32 12.58
N LYS B 427 -15.59 -27.50 11.32
CA LYS B 427 -14.45 -28.39 11.01
C LYS B 427 -13.14 -27.89 11.62
N SER B 428 -12.87 -26.60 11.48
CA SER B 428 -11.65 -25.98 12.00
C SER B 428 -11.57 -26.06 13.53
N GLY B 429 -10.36 -25.89 14.07
CA GLY B 429 -10.13 -26.00 15.50
C GLY B 429 -10.45 -24.73 16.26
N ILE B 430 -11.73 -24.53 16.56
CA ILE B 430 -12.17 -23.38 17.37
C ILE B 430 -12.85 -23.87 18.66
N PRO B 431 -12.16 -23.73 19.81
CA PRO B 431 -12.75 -24.05 21.11
C PRO B 431 -14.02 -23.22 21.39
N ASP B 432 -15.08 -23.88 21.84
CA ASP B 432 -16.37 -23.23 22.11
C ASP B 432 -16.26 -22.12 23.16
N GLY B 433 -16.82 -20.95 22.84
CA GLY B 433 -16.72 -19.78 23.72
C GLY B 433 -15.55 -18.87 23.37
N ALA B 434 -14.69 -19.32 22.45
CA ALA B 434 -13.53 -18.52 22.02
C ALA B 434 -13.96 -17.29 21.22
N ARG B 435 -13.19 -16.23 21.38
CA ARG B 435 -13.55 -14.95 20.82
C ARG B 435 -12.57 -14.56 19.72
N TRP B 436 -12.87 -13.49 19.01
CA TRP B 436 -12.09 -13.10 17.83
C TRP B 436 -10.61 -12.86 18.18
N GLY B 437 -10.37 -12.18 19.31
CA GLY B 437 -9.00 -11.91 19.79
C GLY B 437 -8.22 -13.17 20.17
N ASP B 438 -8.93 -14.26 20.43
CA ASP B 438 -8.30 -15.56 20.68
C ASP B 438 -7.72 -16.17 19.41
N LEU B 439 -8.25 -15.76 18.26
CA LEU B 439 -7.89 -16.34 16.98
C LEU B 439 -6.93 -15.45 16.18
N GLN B 440 -7.25 -14.16 16.09
CA GLN B 440 -6.40 -13.25 15.33
C GLN B 440 -5.31 -12.59 16.18
N VAL B 441 -4.06 -12.86 15.84
CA VAL B 441 -2.91 -12.43 16.64
C VAL B 441 -1.72 -11.97 15.80
N SER B 442 -0.78 -11.30 16.46
CA SER B 442 0.52 -11.02 15.88
C SER B 442 1.55 -11.71 16.75
N THR B 443 2.35 -12.57 16.14
CA THR B 443 3.38 -13.31 16.90
C THR B 443 4.55 -12.38 17.17
N ARG B 444 5.06 -12.41 18.39
CA ARG B 444 6.23 -11.62 18.76
C ARG B 444 7.18 -12.55 19.53
N GLY B 445 8.20 -13.05 18.84
CA GLY B 445 9.05 -14.09 19.41
C GLY B 445 8.27 -15.36 19.68
N GLN B 446 8.29 -15.80 20.94
CA GLN B 446 7.62 -17.02 21.39
C GLN B 446 6.19 -16.74 21.89
N GLU B 447 5.79 -15.47 21.84
CA GLU B 447 4.50 -15.01 22.37
C GLU B 447 3.58 -14.52 21.26
N ARG B 448 2.32 -14.27 21.61
CA ARG B 448 1.31 -13.73 20.69
C ARG B 448 0.59 -12.56 21.33
N ILE B 449 0.16 -11.62 20.50
CA ILE B 449 -0.62 -10.48 20.97
C ILE B 449 -1.91 -10.46 20.17
N ALA B 450 -3.05 -10.43 20.87
CA ALA B 450 -4.36 -10.38 20.20
C ALA B 450 -4.54 -9.06 19.45
N ILE B 451 -5.07 -9.12 18.23
CA ILE B 451 -5.15 -7.93 17.37
C ILE B 451 -6.61 -7.69 16.93
N PRO B 452 -7.15 -6.50 17.24
CA PRO B 452 -8.52 -6.17 16.82
C PRO B 452 -8.54 -5.68 15.37
N GLY B 453 -9.70 -5.78 14.74
CA GLY B 453 -9.85 -5.39 13.34
C GLY B 453 -10.15 -6.60 12.49
N GLY B 454 -10.54 -6.36 11.24
CA GLY B 454 -10.85 -7.49 10.37
C GLY B 454 -10.71 -7.04 8.94
N ASP B 455 -10.93 -7.96 8.00
CA ASP B 455 -10.62 -7.65 6.62
C ASP B 455 -11.46 -6.48 6.07
N GLY B 456 -10.78 -5.59 5.35
CA GLY B 456 -11.44 -4.45 4.72
C GLY B 456 -12.57 -4.81 3.78
N HIS B 457 -12.48 -6.00 3.17
CA HIS B 457 -13.56 -6.48 2.31
C HIS B 457 -14.88 -6.72 3.07
N PHE B 458 -14.81 -6.84 4.40
CA PHE B 458 -16.02 -6.96 5.25
C PHE B 458 -16.48 -5.61 5.82
N GLY B 459 -15.89 -4.52 5.34
CA GLY B 459 -16.31 -3.18 5.76
C GLY B 459 -15.81 -2.78 7.13
N VAL B 460 -14.70 -3.38 7.58
CA VAL B 460 -14.12 -3.00 8.86
C VAL B 460 -13.14 -1.86 8.55
N TYR B 461 -13.44 -0.68 9.08
CA TYR B 461 -12.58 0.48 8.80
C TYR B 461 -11.14 0.23 9.27
N ASN B 462 -11.01 -0.31 10.49
CA ASN B 462 -9.74 -0.81 11.01
C ASN B 462 -9.41 -2.15 10.32
N ALA B 463 -8.93 -2.05 9.07
CA ALA B 463 -8.73 -3.21 8.22
C ALA B 463 -7.48 -3.96 8.64
N ILE B 464 -7.65 -5.27 8.86
CA ILE B 464 -6.54 -6.17 9.22
C ILE B 464 -6.66 -7.40 8.33
N GLN B 465 -5.57 -7.70 7.63
CA GLN B 465 -5.47 -8.91 6.83
C GLN B 465 -4.66 -9.95 7.58
N SER B 466 -5.18 -11.17 7.63
CA SER B 466 -4.52 -12.26 8.33
CA SER B 466 -4.51 -12.25 8.33
C SER B 466 -4.50 -13.51 7.49
N VAL B 467 -3.60 -14.43 7.84
CA VAL B 467 -3.49 -15.72 7.14
C VAL B 467 -3.47 -16.84 8.15
N ARG B 468 -4.04 -17.99 7.81
CA ARG B 468 -3.99 -19.13 8.72
C ARG B 468 -2.55 -19.59 8.92
N LYS B 469 -2.11 -19.68 10.18
CA LYS B 469 -0.84 -20.34 10.53
C LYS B 469 -1.05 -21.16 11.79
N GLY B 470 -0.86 -22.48 11.69
CA GLY B 470 -1.13 -23.39 12.80
C GLY B 470 -2.53 -23.19 13.39
N ASP B 471 -2.58 -22.85 14.68
CA ASP B 471 -3.86 -22.72 15.39
C ASP B 471 -4.48 -21.31 15.33
N HIS B 472 -3.87 -20.41 14.56
CA HIS B 472 -4.26 -19.01 14.62
C HIS B 472 -4.32 -18.34 13.24
N LEU B 473 -4.88 -17.13 13.22
CA LEU B 473 -4.76 -16.26 12.07
C LEU B 473 -3.65 -15.27 12.40
N GLU B 474 -2.59 -15.24 11.58
CA GLU B 474 -1.46 -14.36 11.83
C GLU B 474 -1.62 -13.08 11.02
N VAL B 475 -1.53 -11.93 11.68
CA VAL B 475 -1.69 -10.65 10.98
C VAL B 475 -0.51 -10.41 10.02
N VAL B 476 -0.84 -10.07 8.76
CA VAL B 476 0.21 -9.76 7.78
C VAL B 476 0.17 -8.33 7.24
N GLY B 477 -0.97 -7.66 7.38
CA GLY B 477 -1.06 -6.28 6.93
C GLY B 477 -2.33 -5.61 7.38
N GLY B 478 -2.40 -4.30 7.11
CA GLY B 478 -3.57 -3.52 7.47
C GLY B 478 -3.18 -2.26 8.18
N THR B 479 -4.05 -1.79 9.08
CA THR B 479 -3.75 -0.65 9.91
C THR B 479 -2.29 -0.73 10.40
N SER B 480 -1.58 0.38 10.22
CA SER B 480 -0.14 0.41 10.34
C SER B 480 0.21 1.69 11.09
N TYR B 481 0.58 2.75 10.39
CA TYR B 481 0.78 4.04 11.01
C TYR B 481 -0.58 4.74 11.11
N ILE B 482 -0.96 5.13 12.32
CA ILE B 482 -2.18 5.92 12.53
C ILE B 482 -1.78 7.31 12.99
N GLN B 483 -2.33 8.33 12.35
CA GLN B 483 -2.19 9.69 12.85
C GLN B 483 -3.50 10.44 12.70
N LEU B 484 -3.86 11.11 13.78
CA LEU B 484 -5.04 11.93 13.85
C LEU B 484 -4.54 13.31 14.28
N VAL B 485 -4.65 14.30 13.40
CA VAL B 485 -4.01 15.61 13.61
C VAL B 485 -5.05 16.73 13.65
N THR B 486 -4.94 17.59 14.67
CA THR B 486 -5.71 18.82 14.76
C THR B 486 -4.74 19.98 14.99
N PHE B 487 -5.25 21.21 14.92
CA PHE B 487 -4.39 22.40 14.90
C PHE B 487 -4.72 23.48 15.94
N PRO B 488 -4.59 23.17 17.25
CA PRO B 488 -4.80 24.20 18.27
C PRO B 488 -3.69 25.26 18.24
N GLU B 489 -3.93 26.41 18.89
CA GLU B 489 -3.03 27.55 18.76
C GLU B 489 -1.55 27.23 19.04
N GLU B 490 -1.29 26.40 20.04
CA GLU B 490 0.08 26.10 20.50
C GLU B 490 0.94 25.33 19.50
N GLY B 491 0.30 24.56 18.62
CA GLY B 491 1.06 23.75 17.65
C GLY B 491 0.25 22.50 17.34
N PRO B 492 0.68 21.74 16.31
CA PRO B 492 -0.17 20.64 15.89
C PRO B 492 -0.29 19.59 16.99
N LYS B 493 -1.51 19.13 17.21
CA LYS B 493 -1.79 18.10 18.17
C LYS B 493 -2.08 16.83 17.40
N ALA B 494 -1.20 15.85 17.54
CA ALA B 494 -1.30 14.60 16.82
C ALA B 494 -1.32 13.44 17.78
N ARG B 495 -2.14 12.46 17.43
CA ARG B 495 -2.38 11.29 18.25
C ARG B 495 -2.39 10.07 17.32
N GLY B 496 -1.84 8.96 17.79
CA GLY B 496 -1.83 7.75 16.99
C GLY B 496 -0.91 6.69 17.53
N LEU B 497 -0.41 5.83 16.63
CA LEU B 497 0.40 4.68 17.01
C LEU B 497 0.97 4.14 15.73
N LEU B 498 2.03 3.34 15.89
CA LEU B 498 2.49 2.49 14.82
C LEU B 498 2.15 1.06 15.29
N ALA B 499 1.12 0.46 14.69
CA ALA B 499 0.52 -0.78 15.22
C ALA B 499 1.51 -1.91 15.48
N PHE B 500 2.48 -2.07 14.59
CA PHE B 500 3.44 -3.18 14.65
C PHE B 500 4.76 -2.81 15.35
N SER B 501 4.81 -1.60 15.89
CA SER B 501 5.98 -1.06 16.64
C SER B 501 7.17 -0.67 15.74
N GLN B 502 8.07 0.13 16.28
CA GLN B 502 9.16 0.73 15.47
C GLN B 502 10.11 -0.30 14.87
N SER B 503 10.42 -1.35 15.64
CA SER B 503 11.44 -2.32 15.22
C SER B 503 10.88 -3.67 14.83
N SER B 504 11.39 -4.18 13.72
CA SER B 504 11.11 -5.53 13.27
C SER B 504 12.02 -6.57 13.93
N ASP B 505 12.96 -6.13 14.76
CA ASP B 505 13.93 -7.03 15.38
C ASP B 505 13.47 -7.47 16.75
N PRO B 506 13.34 -8.79 16.97
CA PRO B 506 12.86 -9.29 18.27
C PRO B 506 13.68 -8.85 19.46
N ARG B 507 14.94 -8.49 19.22
CA ARG B 507 15.80 -8.03 20.32
C ARG B 507 15.47 -6.62 20.80
N SER B 508 14.83 -5.82 19.97
CA SER B 508 14.63 -4.41 20.29
C SER B 508 13.62 -4.17 21.43
N PRO B 509 13.89 -3.17 22.29
CA PRO B 509 12.88 -2.71 23.24
C PRO B 509 11.62 -2.17 22.57
N HIS B 510 11.68 -1.95 21.26
CA HIS B 510 10.54 -1.37 20.52
C HIS B 510 9.99 -2.33 19.47
N TYR B 511 10.05 -3.61 19.80
CA TYR B 511 9.53 -4.70 18.96
C TYR B 511 8.02 -4.94 19.13
N ARG B 512 7.49 -4.67 20.33
CA ARG B 512 6.07 -4.94 20.61
C ARG B 512 5.38 -3.94 21.53
N ASP B 513 6.08 -2.86 21.86
CA ASP B 513 5.55 -1.90 22.82
C ASP B 513 4.27 -1.20 22.31
N GLN B 514 4.28 -0.75 21.07
CA GLN B 514 3.06 -0.12 20.49
C GLN B 514 2.04 -1.14 20.05
N THR B 515 2.51 -2.38 19.83
CA THR B 515 1.60 -3.47 19.48
C THR B 515 0.72 -3.86 20.68
N GLU B 516 1.31 -3.84 21.88
CA GLU B 516 0.52 -3.99 23.11
C GLU B 516 -0.53 -2.87 23.22
N LEU B 517 -0.13 -1.65 22.90
CA LEU B 517 -1.05 -0.51 22.90
C LEU B 517 -2.14 -0.64 21.82
N PHE B 518 -1.76 -1.13 20.64
CA PHE B 518 -2.71 -1.32 19.56
C PHE B 518 -3.77 -2.36 19.92
N SER B 519 -3.33 -3.45 20.55
CA SER B 519 -4.23 -4.49 21.06
C SER B 519 -5.34 -3.89 21.95
N ARG B 520 -4.93 -2.98 22.84
CA ARG B 520 -5.82 -2.31 23.79
C ARG B 520 -6.48 -1.04 23.21
N GLN B 521 -6.14 -0.72 21.97
CA GLN B 521 -6.62 0.47 21.24
C GLN B 521 -6.37 1.77 22.02
N GLN B 522 -5.14 1.91 22.53
CA GLN B 522 -4.77 3.07 23.35
C GLN B 522 -3.77 3.92 22.58
N TRP B 523 -4.31 4.87 21.82
CA TRP B 523 -3.48 5.75 21.00
C TRP B 523 -2.72 6.73 21.89
N GLN B 524 -1.65 7.30 21.34
CA GLN B 524 -0.73 8.10 22.14
C GLN B 524 -0.41 9.42 21.45
N THR B 525 0.09 10.38 22.23
CA THR B 525 0.59 11.63 21.66
C THR B 525 1.77 11.36 20.74
N LEU B 526 1.78 12.02 19.59
CA LEU B 526 2.93 12.05 18.71
C LEU B 526 3.64 13.39 18.97
N PRO B 527 4.72 13.37 19.78
CA PRO B 527 5.29 14.68 20.24
C PRO B 527 6.07 15.34 19.12
N PHE B 528 5.79 16.63 18.88
CA PHE B 528 6.33 17.36 17.73
C PHE B 528 7.07 18.64 18.16
N SER B 529 6.51 19.38 19.10
CA SER B 529 7.18 20.62 19.54
C SER B 529 8.32 20.31 20.47
N ASP B 530 9.28 21.22 20.59
CA ASP B 530 10.35 21.05 21.58
C ASP B 530 9.78 20.87 22.99
N ARG B 531 8.69 21.59 23.32
CA ARG B 531 8.04 21.45 24.63
C ARG B 531 7.49 20.04 24.86
N GLN B 532 6.84 19.47 23.85
CA GLN B 532 6.29 18.12 23.97
C GLN B 532 7.41 17.08 24.10
N ILE B 533 8.45 17.24 23.28
CA ILE B 533 9.58 16.30 23.28
C ILE B 533 10.29 16.36 24.64
N ASP B 534 10.56 17.58 25.12
CA ASP B 534 11.23 17.71 26.42
C ASP B 534 10.40 17.21 27.61
N ALA B 535 9.08 17.22 27.48
CA ALA B 535 8.19 16.71 28.55
C ALA B 535 8.17 15.18 28.68
N ASP B 536 8.76 14.47 27.73
CA ASP B 536 8.69 13.00 27.73
C ASP B 536 9.71 12.38 28.71
N PRO B 537 9.22 11.66 29.75
CA PRO B 537 10.17 11.13 30.74
C PRO B 537 11.14 10.06 30.20
N GLN B 538 10.86 9.54 29.00
CA GLN B 538 11.74 8.56 28.35
C GLN B 538 12.78 9.19 27.42
N LEU B 539 12.87 10.51 27.42
CA LEU B 539 13.72 11.22 26.45
C LEU B 539 15.17 10.81 26.55
N GLN B 540 15.77 10.46 25.40
CA GLN B 540 17.19 10.15 25.31
C GLN B 540 17.76 10.96 24.16
N ARG B 541 19.05 11.24 24.20
CA ARG B 541 19.66 12.06 23.15
C ARG B 541 21.05 11.54 22.83
N LEU B 542 21.39 11.58 21.55
CA LEU B 542 22.72 11.21 21.08
C LEU B 542 23.11 12.13 19.93
N SER B 543 24.33 12.66 19.98
CA SER B 543 24.85 13.37 18.82
C SER B 543 25.97 12.56 18.20
N ILE B 544 25.97 12.51 16.88
CA ILE B 544 26.95 11.71 16.13
C ILE B 544 27.56 12.49 14.97
N ARG B 545 28.81 12.20 14.68
CA ARG B 545 29.47 12.78 13.52
C ARG B 545 30.54 11.83 12.96
N GLU B 546 30.87 12.01 11.69
CA GLU B 546 32.09 11.44 11.13
C GLU B 546 32.62 12.32 9.99
#